data_6HB7
#
_entry.id   6HB7
#
_cell.length_a   81.622
_cell.length_b   64.613
_cell.length_c   89.670
_cell.angle_alpha   90.000
_cell.angle_beta   100.980
_cell.angle_gamma   90.000
#
_symmetry.space_group_name_H-M   'P 1 21 1'
#
loop_
_entity.id
_entity.type
_entity.pdbx_description
1 polymer 'Tyrosine--tRNA ligase'
2 non-polymer '[(2~{R},3~{S},4~{R},5~{R})-5-[3-methyl-2,4-bis(oxidanylidene)pyrimidin-1-yl]-3,4-bis(oxidanyl)oxolan-2-yl]methyl ~{N}-[(2~{S})-2-azanyl-3-(4-hydroxyphenyl)propanoyl]sulfamate'
3 non-polymer 1,2-ETHANEDIOL
4 non-polymer 'CHLORIDE ION'
5 water water
#
_entity_poly.entity_id   1
_entity_poly.type   'polypeptide(L)'
_entity_poly.pdbx_seq_one_letter_code
;MASSNLIKQLQERGLVAQVTDEEALAERLAQGPIALYCGFDPTADSLHLGHLVPLLCLKRFQQAGHKPVALVGGATGLIG
DPSFKAAERKLNTEETVQEWVDKIRKQVAPFLDFDCGENSAIAANNYDWFGNMNVLTFLRDIGKHFSVNQMINKEAVKQR
LNREDQGISFTEFSYNLLQGYDFACLNKQYGVVLQIGGSDQWGNITSGIDLTRRLHQNQVFGLTVPLITKADGTKFGKTE
GGAVWLDPKKTSPYKFYQFWINTADADVYRFLKFFTFMSIEEINALEEEDKNSGKAPRAQYVLAEQVTRLVHGEEGLQAA
KRITECLFSGSLSALSEADFEQLAQDGVPMVEMEKGADLMQALVDSELQPSRGQARKTIASNAITINGEKQSDPEYFFKE
EERLFGRFTLLRRGKKNYCLICWK
;
_entity_poly.pdbx_strand_id   A,B
#
# COMPACT_ATOMS: atom_id res chain seq x y z
N ASN A 5 -3.47 14.01 -39.15
CA ASN A 5 -3.88 13.61 -37.81
C ASN A 5 -3.06 12.42 -37.28
N LEU A 6 -2.17 12.69 -36.29
CA LEU A 6 -1.23 11.72 -35.74
C LEU A 6 -1.87 10.46 -35.19
N ILE A 7 -2.98 10.58 -34.43
CA ILE A 7 -3.69 9.43 -33.85
C ILE A 7 -4.21 8.50 -34.97
N LYS A 8 -4.86 9.08 -36.01
CA LYS A 8 -5.35 8.30 -37.16
C LYS A 8 -4.20 7.62 -37.94
N GLN A 9 -3.07 8.33 -38.09
CA GLN A 9 -1.86 7.81 -38.75
C GLN A 9 -1.31 6.61 -37.94
N LEU A 10 -1.35 6.68 -36.59
CA LEU A 10 -0.88 5.58 -35.74
C LEU A 10 -1.84 4.38 -35.80
N GLN A 11 -3.15 4.67 -35.84
CA GLN A 11 -4.22 3.66 -35.92
C GLN A 11 -4.14 2.88 -37.23
N GLU A 12 -3.76 3.56 -38.35
CA GLU A 12 -3.58 2.98 -39.69
C GLU A 12 -2.38 2.03 -39.73
N ARG A 13 -1.37 2.28 -38.87
CA ARG A 13 -0.20 1.41 -38.73
C ARG A 13 -0.54 0.20 -37.83
N GLY A 14 -1.70 0.23 -37.17
CA GLY A 14 -2.13 -0.78 -36.21
C GLY A 14 -1.43 -0.60 -34.87
N LEU A 15 -0.89 0.62 -34.62
CA LEU A 15 -0.14 0.93 -33.41
C LEU A 15 -0.98 1.42 -32.21
N VAL A 16 -2.33 1.42 -32.32
CA VAL A 16 -3.19 1.87 -31.22
C VAL A 16 -4.06 0.72 -30.68
N ALA A 17 -3.76 0.26 -29.45
CA ALA A 17 -4.57 -0.77 -28.79
C ALA A 17 -5.75 -0.05 -28.10
N GLN A 18 -5.46 0.96 -27.26
CA GLN A 18 -6.48 1.75 -26.59
C GLN A 18 -6.00 3.20 -26.47
N VAL A 19 -6.97 4.11 -26.42
CA VAL A 19 -6.71 5.54 -26.29
C VAL A 19 -7.86 6.19 -25.49
N THR A 20 -7.53 7.08 -24.53
CA THR A 20 -8.59 7.75 -23.76
C THR A 20 -9.06 9.04 -24.43
N ASP A 21 -10.35 9.36 -24.27
CA ASP A 21 -10.95 10.62 -24.75
C ASP A 21 -10.27 11.06 -26.07
N GLU A 22 -10.19 10.13 -27.03
CA GLU A 22 -9.49 10.18 -28.32
C GLU A 22 -9.74 11.44 -29.15
N GLU A 23 -11.01 11.86 -29.31
CA GLU A 23 -11.37 13.06 -30.07
C GLU A 23 -10.66 14.28 -29.51
N ALA A 24 -10.67 14.43 -28.17
CA ALA A 24 -10.02 15.51 -27.44
C ALA A 24 -8.48 15.48 -27.56
N LEU A 25 -7.87 14.28 -27.47
CA LEU A 25 -6.41 14.15 -27.64
C LEU A 25 -5.98 14.57 -29.04
N ALA A 26 -6.71 14.11 -30.09
CA ALA A 26 -6.46 14.44 -31.49
C ALA A 26 -6.54 15.96 -31.70
N GLU A 27 -7.55 16.61 -31.10
CA GLU A 27 -7.73 18.06 -31.13
C GLU A 27 -6.56 18.76 -30.41
N ARG A 28 -6.12 18.23 -29.24
CA ARG A 28 -4.99 18.81 -28.51
C ARG A 28 -3.70 18.75 -29.33
N LEU A 29 -3.43 17.59 -29.98
CA LEU A 29 -2.23 17.39 -30.82
C LEU A 29 -2.22 18.33 -32.01
N ALA A 30 -3.37 18.49 -32.69
CA ALA A 30 -3.56 19.35 -33.85
C ALA A 30 -3.37 20.85 -33.53
N GLN A 31 -3.60 21.26 -32.28
CA GLN A 31 -3.46 22.66 -31.84
C GLN A 31 -2.01 23.14 -31.73
N GLY A 32 -1.14 22.28 -31.23
CA GLY A 32 0.27 22.59 -31.07
C GLY A 32 1.07 21.49 -30.39
N PRO A 33 2.37 21.72 -30.15
CA PRO A 33 3.21 20.69 -29.50
C PRO A 33 2.78 20.39 -28.06
N ILE A 34 2.87 19.12 -27.68
CA ILE A 34 2.54 18.68 -26.32
C ILE A 34 3.79 18.01 -25.79
N ALA A 35 3.83 17.72 -24.48
CA ALA A 35 4.89 16.92 -23.87
C ALA A 35 4.22 15.56 -23.56
N LEU A 36 4.95 14.49 -23.81
CA LEU A 36 4.45 13.15 -23.59
C LEU A 36 5.54 12.31 -22.95
N TYR A 37 5.18 11.14 -22.39
CA TYR A 37 6.20 10.28 -21.80
C TYR A 37 5.91 8.79 -21.91
N CYS A 38 6.97 8.01 -21.72
CA CYS A 38 6.88 6.56 -21.60
C CYS A 38 7.96 6.21 -20.64
N GLY A 39 7.65 5.27 -19.74
CA GLY A 39 8.62 4.79 -18.77
C GLY A 39 9.13 3.40 -19.13
N PHE A 40 10.36 3.09 -18.67
CA PHE A 40 11.06 1.82 -18.91
C PHE A 40 11.69 1.42 -17.60
N ASP A 41 11.30 0.27 -17.05
CA ASP A 41 11.88 -0.18 -15.78
C ASP A 41 13.17 -0.96 -15.96
N PRO A 42 14.16 -0.73 -15.04
CA PRO A 42 15.42 -1.48 -15.09
C PRO A 42 15.31 -2.86 -14.44
N THR A 43 14.99 -3.86 -15.27
CA THR A 43 14.91 -5.26 -14.83
C THR A 43 16.02 -6.09 -15.46
N ALA A 44 16.89 -5.46 -16.27
CA ALA A 44 18.05 -6.09 -16.91
C ALA A 44 19.02 -4.99 -17.32
N ASP A 45 20.23 -5.38 -17.73
CA ASP A 45 21.26 -4.43 -18.16
C ASP A 45 21.04 -3.90 -19.58
N SER A 46 19.92 -4.27 -20.23
CA SER A 46 19.59 -3.84 -21.59
C SER A 46 18.11 -3.92 -21.83
N LEU A 47 17.61 -3.07 -22.74
CA LEU A 47 16.28 -3.23 -23.28
C LEU A 47 16.32 -4.34 -24.36
N HIS A 48 15.15 -4.83 -24.74
CA HIS A 48 15.01 -5.84 -25.78
C HIS A 48 14.02 -5.35 -26.84
N LEU A 49 13.74 -6.15 -27.88
CA LEU A 49 12.88 -5.74 -28.99
C LEU A 49 11.50 -5.27 -28.60
N GLY A 50 10.91 -5.87 -27.58
CA GLY A 50 9.58 -5.48 -27.12
C GLY A 50 9.53 -4.01 -26.72
N HIS A 51 10.56 -3.55 -26.02
CA HIS A 51 10.71 -2.16 -25.57
C HIS A 51 10.87 -1.16 -26.69
N LEU A 52 11.31 -1.61 -27.86
CA LEU A 52 11.54 -0.77 -29.02
C LEU A 52 10.25 -0.14 -29.58
N VAL A 53 9.12 -0.86 -29.51
CA VAL A 53 7.84 -0.35 -30.04
C VAL A 53 7.47 1.00 -29.38
N PRO A 54 7.31 1.15 -28.03
CA PRO A 54 6.96 2.48 -27.51
C PRO A 54 8.09 3.51 -27.63
N LEU A 55 9.36 3.06 -27.58
CA LEU A 55 10.50 3.96 -27.77
C LEU A 55 10.45 4.59 -29.17
N LEU A 56 10.14 3.78 -30.21
CA LEU A 56 10.02 4.34 -31.58
C LEU A 56 8.79 5.26 -31.70
N CYS A 57 7.75 4.96 -30.90
CA CYS A 57 6.55 5.80 -30.84
C CYS A 57 6.87 7.15 -30.22
N LEU A 58 7.78 7.22 -29.21
CA LEU A 58 8.23 8.51 -28.65
C LEU A 58 8.87 9.34 -29.77
N LYS A 59 9.69 8.67 -30.62
CA LYS A 59 10.33 9.33 -31.78
C LYS A 59 9.29 9.75 -32.81
N ARG A 60 8.28 8.89 -33.09
CA ARG A 60 7.20 9.24 -34.04
C ARG A 60 6.52 10.54 -33.59
N PHE A 61 6.22 10.66 -32.27
CA PHE A 61 5.63 11.90 -31.72
C PHE A 61 6.57 13.09 -31.86
N GLN A 62 7.89 12.91 -31.56
CA GLN A 62 8.88 13.99 -31.67
C GLN A 62 9.02 14.51 -33.11
N GLN A 63 8.96 13.59 -34.09
CA GLN A 63 9.02 13.95 -35.51
C GLN A 63 7.83 14.85 -35.91
N ALA A 64 6.68 14.68 -35.21
CA ALA A 64 5.48 15.49 -35.42
C ALA A 64 5.53 16.82 -34.64
N GLY A 65 6.66 17.09 -33.96
CA GLY A 65 6.90 18.31 -33.19
C GLY A 65 6.63 18.22 -31.69
N HIS A 66 6.22 17.05 -31.19
CA HIS A 66 5.95 16.91 -29.76
C HIS A 66 7.25 16.70 -28.97
N LYS A 67 7.17 16.89 -27.66
CA LYS A 67 8.30 16.81 -26.75
C LYS A 67 8.31 15.50 -25.95
N PRO A 68 9.23 14.56 -26.23
CA PRO A 68 9.22 13.28 -25.49
C PRO A 68 10.03 13.26 -24.21
N VAL A 69 9.48 12.58 -23.20
CA VAL A 69 10.15 12.37 -21.94
C VAL A 69 10.31 10.86 -21.83
N ALA A 70 11.56 10.44 -21.72
CA ALA A 70 11.91 9.03 -21.56
C ALA A 70 12.25 8.83 -20.09
N LEU A 71 11.35 8.22 -19.34
CA LEU A 71 11.58 7.98 -17.92
C LEU A 71 12.19 6.60 -17.72
N VAL A 72 13.23 6.52 -16.88
CA VAL A 72 13.82 5.25 -16.51
C VAL A 72 13.45 5.08 -15.04
N GLY A 73 12.89 3.94 -14.67
CA GLY A 73 12.35 3.71 -13.33
C GLY A 73 13.35 3.36 -12.26
N GLY A 74 14.18 4.31 -11.87
CA GLY A 74 15.13 4.08 -10.77
C GLY A 74 14.42 3.69 -9.47
N ALA A 75 13.20 4.23 -9.23
CA ALA A 75 12.43 3.89 -8.00
C ALA A 75 11.51 2.69 -8.25
N THR A 76 10.80 2.67 -9.39
CA THR A 76 9.86 1.59 -9.74
C THR A 76 10.61 0.24 -9.92
N GLY A 77 11.85 0.30 -10.42
CA GLY A 77 12.72 -0.87 -10.54
C GLY A 77 13.10 -1.48 -9.18
N LEU A 78 12.93 -0.73 -8.07
CA LEU A 78 13.19 -1.27 -6.72
C LEU A 78 11.91 -1.90 -6.10
N ILE A 79 10.77 -1.78 -6.80
CA ILE A 79 9.45 -2.24 -6.39
C ILE A 79 8.98 -3.44 -7.20
N GLY A 80 9.00 -3.32 -8.53
CA GLY A 80 8.66 -4.44 -9.41
C GLY A 80 7.22 -4.36 -9.92
N ASP A 81 7.06 -4.19 -11.24
CA ASP A 81 5.76 -4.09 -11.89
C ASP A 81 5.15 -5.52 -12.01
N PRO A 82 3.99 -5.80 -11.35
CA PRO A 82 3.40 -7.15 -11.46
C PRO A 82 2.50 -7.33 -12.68
N SER A 83 2.24 -6.24 -13.45
CA SER A 83 1.30 -6.22 -14.59
C SER A 83 1.42 -7.41 -15.51
N PHE A 84 0.38 -8.28 -15.48
CA PHE A 84 0.31 -9.50 -16.30
C PHE A 84 1.52 -10.45 -16.10
N LYS A 85 2.12 -10.41 -14.91
CA LYS A 85 3.24 -11.29 -14.54
C LYS A 85 2.68 -12.38 -13.65
N ALA A 86 2.98 -13.64 -14.01
CA ALA A 86 2.48 -14.83 -13.33
C ALA A 86 3.04 -14.99 -11.92
N ALA A 87 4.31 -14.58 -11.72
CA ALA A 87 4.94 -14.79 -10.42
C ALA A 87 5.59 -13.55 -9.87
N GLU A 88 5.66 -13.49 -8.53
CA GLU A 88 6.31 -12.46 -7.75
C GLU A 88 7.81 -12.47 -8.11
N ARG A 89 8.39 -11.29 -8.35
CA ARG A 89 9.82 -11.21 -8.67
C ARG A 89 10.63 -11.01 -7.41
N LYS A 90 11.88 -11.50 -7.39
CA LYS A 90 12.78 -11.28 -6.26
C LYS A 90 13.16 -9.78 -6.30
N LEU A 91 13.29 -9.14 -5.16
CA LEU A 91 13.71 -7.74 -5.18
C LEU A 91 15.16 -7.64 -5.71
N ASN A 92 15.48 -6.61 -6.51
CA ASN A 92 16.86 -6.40 -6.94
C ASN A 92 17.57 -5.41 -5.97
N THR A 93 18.91 -5.46 -5.87
CA THR A 93 19.61 -4.55 -4.94
C THR A 93 19.65 -3.15 -5.50
N GLU A 94 19.85 -2.14 -4.65
CA GLU A 94 20.00 -0.74 -5.09
C GLU A 94 21.20 -0.57 -6.03
N GLU A 95 22.35 -1.25 -5.76
CA GLU A 95 23.55 -1.16 -6.59
C GLU A 95 23.31 -1.76 -7.98
N THR A 96 22.64 -2.91 -8.06
CA THR A 96 22.31 -3.54 -9.35
C THR A 96 21.36 -2.62 -10.16
N VAL A 97 20.25 -2.18 -9.53
CA VAL A 97 19.25 -1.32 -10.19
C VAL A 97 19.90 -0.03 -10.70
N GLN A 98 20.76 0.60 -9.87
CA GLN A 98 21.47 1.83 -10.30
C GLN A 98 22.33 1.57 -11.57
N GLU A 99 23.09 0.44 -11.61
CA GLU A 99 23.92 0.06 -12.78
C GLU A 99 23.05 -0.10 -14.03
N TRP A 100 21.90 -0.80 -13.89
CA TRP A 100 20.98 -1.03 -14.99
C TRP A 100 20.37 0.29 -15.49
N VAL A 101 20.03 1.21 -14.57
CA VAL A 101 19.45 2.54 -14.88
C VAL A 101 20.36 3.28 -15.86
N ASP A 102 21.66 3.37 -15.54
CA ASP A 102 22.65 4.10 -16.35
C ASP A 102 22.81 3.46 -17.73
N LYS A 103 22.79 2.12 -17.80
CA LYS A 103 22.89 1.39 -19.07
C LYS A 103 21.66 1.65 -19.93
N ILE A 104 20.48 1.56 -19.33
CA ILE A 104 19.21 1.77 -20.04
C ILE A 104 19.10 3.22 -20.52
N ARG A 105 19.42 4.19 -19.64
CA ARG A 105 19.42 5.62 -20.04
C ARG A 105 20.31 5.83 -21.27
N LYS A 106 21.54 5.27 -21.24
CA LYS A 106 22.49 5.41 -22.33
C LYS A 106 22.01 4.73 -23.62
N GLN A 107 21.29 3.62 -23.52
CA GLN A 107 20.76 2.90 -24.67
C GLN A 107 19.58 3.67 -25.33
N VAL A 108 18.74 4.27 -24.49
CA VAL A 108 17.57 5.03 -24.91
C VAL A 108 17.94 6.33 -25.61
N ALA A 109 18.90 7.09 -25.05
CA ALA A 109 19.30 8.40 -25.54
C ALA A 109 19.53 8.51 -27.09
N PRO A 110 20.24 7.59 -27.81
CA PRO A 110 20.42 7.79 -29.26
C PRO A 110 19.14 7.76 -30.10
N PHE A 111 18.05 7.17 -29.56
CA PHE A 111 16.76 7.10 -30.27
C PHE A 111 15.98 8.42 -30.30
N LEU A 112 16.35 9.42 -29.47
CA LEU A 112 15.62 10.69 -29.41
C LEU A 112 16.53 11.89 -29.60
N ASP A 113 15.95 13.03 -29.99
CA ASP A 113 16.74 14.25 -30.16
C ASP A 113 16.70 15.11 -28.90
N PHE A 114 17.87 15.28 -28.26
CA PHE A 114 18.05 16.09 -27.05
C PHE A 114 18.51 17.52 -27.39
N ASP A 115 18.59 17.86 -28.69
CA ASP A 115 19.09 19.17 -29.13
C ASP A 115 18.38 19.66 -30.40
N CYS A 116 17.07 19.96 -30.28
CA CYS A 116 16.22 20.40 -31.38
C CYS A 116 15.22 21.49 -30.95
N GLY A 117 15.66 22.34 -30.02
CA GLY A 117 14.85 23.46 -29.55
C GLY A 117 13.87 23.10 -28.46
N GLU A 118 12.65 23.69 -28.55
CA GLU A 118 11.54 23.54 -27.61
C GLU A 118 11.12 22.11 -27.34
N ASN A 119 11.07 21.27 -28.39
CA ASN A 119 10.64 19.89 -28.25
C ASN A 119 11.82 18.90 -28.02
N SER A 120 12.95 19.39 -27.47
CA SER A 120 14.10 18.53 -27.14
C SER A 120 13.67 17.50 -26.10
N ALA A 121 14.19 16.27 -26.24
CA ALA A 121 13.89 15.19 -25.32
C ALA A 121 14.44 15.46 -23.91
N ILE A 122 13.81 14.82 -22.93
CA ILE A 122 14.19 14.89 -21.52
C ILE A 122 14.30 13.50 -20.98
N ALA A 123 15.42 13.19 -20.34
CA ALA A 123 15.60 11.94 -19.63
C ALA A 123 15.11 12.21 -18.19
N ALA A 124 14.27 11.32 -17.65
CA ALA A 124 13.73 11.48 -16.29
C ALA A 124 13.96 10.17 -15.54
N ASN A 125 13.93 10.27 -14.21
CA ASN A 125 14.15 9.11 -13.35
C ASN A 125 13.26 9.33 -12.13
N ASN A 126 12.31 8.41 -11.88
CA ASN A 126 11.37 8.59 -10.77
C ASN A 126 12.02 8.43 -9.37
N TYR A 127 13.32 8.01 -9.28
CA TYR A 127 14.02 8.00 -8.00
C TYR A 127 14.19 9.46 -7.51
N ASP A 128 14.19 10.43 -8.45
CA ASP A 128 14.30 11.86 -8.12
C ASP A 128 13.18 12.39 -7.19
N TRP A 129 12.00 11.70 -7.14
CA TRP A 129 10.89 12.09 -6.29
C TRP A 129 10.52 11.02 -5.28
N PHE A 130 10.70 9.73 -5.63
CA PHE A 130 10.36 8.69 -4.67
C PHE A 130 11.47 8.33 -3.69
N GLY A 131 12.72 8.52 -4.11
CA GLY A 131 13.93 8.16 -3.34
C GLY A 131 14.02 8.75 -1.95
N ASN A 132 13.39 9.92 -1.74
CA ASN A 132 13.39 10.63 -0.48
C ASN A 132 11.98 10.99 0.03
N MET A 133 10.93 10.45 -0.60
CA MET A 133 9.57 10.74 -0.19
C MET A 133 9.22 10.03 1.12
N ASN A 134 8.69 10.77 2.09
CA ASN A 134 8.28 10.15 3.36
C ASN A 134 7.08 9.24 3.16
N VAL A 135 7.04 8.11 3.88
CA VAL A 135 5.94 7.12 3.80
C VAL A 135 4.54 7.73 4.12
N LEU A 136 4.39 8.55 5.19
CA LEU A 136 3.09 9.13 5.54
C LEU A 136 2.60 10.11 4.47
N THR A 137 3.52 10.88 3.89
CA THR A 137 3.25 11.81 2.79
C THR A 137 2.69 11.01 1.61
N PHE A 138 3.37 9.93 1.18
CA PHE A 138 2.91 9.05 0.10
C PHE A 138 1.52 8.46 0.43
N LEU A 139 1.37 7.85 1.65
CA LEU A 139 0.07 7.26 1.99
C LEU A 139 -1.09 8.24 2.03
N ARG A 140 -0.84 9.45 2.52
CA ARG A 140 -1.90 10.44 2.62
C ARG A 140 -2.14 11.15 1.30
N ASP A 141 -1.11 11.85 0.78
CA ASP A 141 -1.22 12.64 -0.44
C ASP A 141 -1.57 11.83 -1.69
N ILE A 142 -1.05 10.61 -1.82
CA ILE A 142 -1.30 9.78 -3.01
C ILE A 142 -2.29 8.65 -2.71
N GLY A 143 -2.00 7.85 -1.69
CA GLY A 143 -2.77 6.68 -1.29
C GLY A 143 -4.26 6.90 -1.08
N LYS A 144 -4.65 8.07 -0.56
CA LYS A 144 -6.06 8.39 -0.27
C LYS A 144 -6.96 8.42 -1.50
N HIS A 145 -6.37 8.72 -2.63
CA HIS A 145 -7.05 8.81 -3.92
C HIS A 145 -7.24 7.46 -4.59
N PHE A 146 -6.69 6.38 -4.00
CA PHE A 146 -6.75 5.02 -4.56
C PHE A 146 -7.71 4.13 -3.81
N SER A 147 -8.65 3.55 -4.54
CA SER A 147 -9.62 2.61 -4.00
C SER A 147 -9.05 1.19 -4.17
N VAL A 148 -8.94 0.43 -3.07
CA VAL A 148 -8.45 -0.96 -3.12
C VAL A 148 -9.42 -1.85 -3.92
N ASN A 149 -10.72 -1.52 -3.87
CA ASN A 149 -11.77 -2.20 -4.63
C ASN A 149 -11.49 -2.09 -6.13
N GLN A 150 -11.10 -0.92 -6.61
CA GLN A 150 -10.74 -0.69 -8.01
C GLN A 150 -9.40 -1.38 -8.35
N MET A 151 -8.41 -1.25 -7.47
CA MET A 151 -7.09 -1.87 -7.66
C MET A 151 -7.16 -3.40 -7.86
N ILE A 152 -7.95 -4.09 -7.02
CA ILE A 152 -8.09 -5.56 -7.11
C ILE A 152 -8.87 -5.95 -8.39
N ASN A 153 -9.54 -4.98 -9.01
CA ASN A 153 -10.30 -5.18 -10.23
C ASN A 153 -9.52 -4.81 -11.49
N LYS A 154 -8.24 -4.40 -11.32
CA LYS A 154 -7.38 -4.11 -12.47
C LYS A 154 -7.03 -5.46 -13.13
N GLU A 155 -7.20 -5.56 -14.46
CA GLU A 155 -6.91 -6.80 -15.19
C GLU A 155 -5.49 -7.31 -14.95
N ALA A 156 -4.51 -6.37 -14.92
CA ALA A 156 -3.07 -6.65 -14.78
C ALA A 156 -2.68 -7.42 -13.53
N VAL A 157 -3.57 -7.49 -12.52
CA VAL A 157 -3.29 -8.21 -11.25
C VAL A 157 -4.31 -9.33 -10.94
N LYS A 158 -5.38 -9.50 -11.77
CA LYS A 158 -6.38 -10.52 -11.49
C LYS A 158 -5.82 -11.94 -11.38
N GLN A 159 -4.79 -12.29 -12.18
CA GLN A 159 -4.30 -13.68 -12.06
C GLN A 159 -3.47 -13.90 -10.77
N ARG A 160 -3.10 -12.79 -10.09
CA ARG A 160 -2.33 -12.85 -8.83
C ARG A 160 -3.20 -12.80 -7.56
N LEU A 161 -4.52 -12.60 -7.70
CA LEU A 161 -5.42 -12.40 -6.55
C LEU A 161 -6.41 -13.52 -6.32
N ASN A 162 -6.06 -14.74 -6.73
CA ASN A 162 -6.91 -15.90 -6.54
C ASN A 162 -6.34 -16.82 -5.45
N ARG A 163 -5.00 -17.02 -5.43
CA ARG A 163 -4.35 -17.88 -4.42
C ARG A 163 -2.99 -17.37 -4.01
N GLU A 164 -2.69 -17.41 -2.69
CA GLU A 164 -1.44 -16.91 -2.09
C GLU A 164 -0.16 -17.54 -2.68
N ASP A 165 -0.25 -18.80 -3.12
CA ASP A 165 0.81 -19.61 -3.76
C ASP A 165 1.32 -18.95 -5.04
N GLN A 166 0.42 -18.25 -5.76
CA GLN A 166 0.73 -17.46 -6.96
C GLN A 166 0.18 -16.07 -6.65
N GLY A 167 0.49 -15.59 -5.45
CA GLY A 167 -0.02 -14.36 -4.89
C GLY A 167 0.76 -13.10 -5.19
N ILE A 168 0.40 -12.02 -4.51
CA ILE A 168 1.05 -10.73 -4.73
C ILE A 168 1.34 -10.04 -3.40
N SER A 169 2.58 -9.55 -3.27
CA SER A 169 3.04 -8.86 -2.09
C SER A 169 2.49 -7.43 -2.06
N PHE A 170 2.45 -6.82 -0.88
CA PHE A 170 2.03 -5.43 -0.73
C PHE A 170 2.96 -4.55 -1.58
N THR A 171 4.27 -4.90 -1.63
CA THR A 171 5.27 -4.22 -2.46
C THR A 171 4.83 -4.07 -3.93
N GLU A 172 4.58 -5.19 -4.63
CA GLU A 172 4.15 -5.16 -6.03
C GLU A 172 2.73 -4.61 -6.19
N PHE A 173 1.90 -4.75 -5.16
CA PHE A 173 0.52 -4.22 -5.22
C PHE A 173 0.52 -2.66 -5.17
N SER A 174 1.58 -2.07 -4.59
CA SER A 174 1.68 -0.61 -4.46
C SER A 174 2.19 0.04 -5.74
N TYR A 175 2.78 -0.78 -6.62
CA TYR A 175 3.41 -0.32 -7.89
C TYR A 175 2.51 0.67 -8.67
N ASN A 176 1.26 0.28 -8.89
CA ASN A 176 0.25 1.08 -9.59
C ASN A 176 0.22 2.56 -9.07
N LEU A 177 0.39 2.77 -7.73
CA LEU A 177 0.41 4.13 -7.18
C LEU A 177 1.65 4.91 -7.60
N LEU A 178 2.81 4.24 -7.73
CA LEU A 178 4.06 4.93 -8.08
C LEU A 178 4.01 5.38 -9.53
N GLN A 179 3.56 4.49 -10.45
CA GLN A 179 3.45 4.89 -11.86
C GLN A 179 2.35 5.95 -12.00
N GLY A 180 1.27 5.77 -11.24
CA GLY A 180 0.17 6.73 -11.21
C GLY A 180 0.66 8.13 -10.87
N TYR A 181 1.44 8.25 -9.78
CA TYR A 181 2.01 9.54 -9.33
C TYR A 181 3.05 10.11 -10.31
N ASP A 182 3.84 9.24 -10.93
CA ASP A 182 4.84 9.67 -11.94
C ASP A 182 4.17 10.55 -13.01
N PHE A 183 2.99 10.13 -13.50
CA PHE A 183 2.23 10.87 -14.49
C PHE A 183 1.85 12.28 -13.92
N ALA A 184 1.31 12.35 -12.68
CA ALA A 184 0.96 13.64 -12.04
C ALA A 184 2.23 14.51 -11.89
N CYS A 185 3.33 13.89 -11.45
CA CYS A 185 4.60 14.60 -11.25
C CYS A 185 5.21 15.19 -12.56
N LEU A 186 5.18 14.43 -13.65
CA LEU A 186 5.66 14.89 -14.97
C LEU A 186 4.76 15.97 -15.57
N ASN A 187 3.46 15.87 -15.31
CA ASN A 187 2.46 16.85 -15.74
C ASN A 187 2.79 18.19 -15.08
N LYS A 188 3.02 18.18 -13.76
CA LYS A 188 3.38 19.39 -13.02
C LYS A 188 4.78 19.94 -13.42
N GLN A 189 5.77 19.05 -13.57
CA GLN A 189 7.13 19.47 -13.88
C GLN A 189 7.32 20.01 -15.29
N TYR A 190 6.78 19.29 -16.27
CA TYR A 190 7.02 19.60 -17.69
C TYR A 190 5.77 19.82 -18.53
N GLY A 191 4.60 19.71 -17.92
CA GLY A 191 3.35 19.86 -18.68
C GLY A 191 3.06 18.64 -19.52
N VAL A 192 3.56 17.46 -19.12
CA VAL A 192 3.29 16.20 -19.82
C VAL A 192 1.77 15.93 -19.74
N VAL A 193 1.13 15.79 -20.91
CA VAL A 193 -0.31 15.57 -21.00
C VAL A 193 -0.65 14.18 -21.59
N LEU A 194 0.38 13.40 -21.97
CA LEU A 194 0.18 12.07 -22.54
C LEU A 194 1.19 11.05 -22.06
N GLN A 195 0.70 9.85 -21.77
CA GLN A 195 1.56 8.73 -21.42
C GLN A 195 1.23 7.60 -22.39
N ILE A 196 2.28 7.03 -23.00
CA ILE A 196 2.16 5.89 -23.92
C ILE A 196 2.87 4.72 -23.29
N GLY A 197 2.56 3.52 -23.77
CA GLY A 197 3.18 2.27 -23.34
C GLY A 197 2.53 1.10 -24.04
N GLY A 198 2.95 -0.13 -23.72
CA GLY A 198 2.30 -1.31 -24.30
C GLY A 198 0.96 -1.54 -23.62
N SER A 199 0.13 -2.43 -24.19
CA SER A 199 -1.24 -2.67 -23.69
C SER A 199 -1.28 -3.17 -22.24
N ASP A 200 -0.24 -3.89 -21.77
CA ASP A 200 -0.14 -4.36 -20.36
C ASP A 200 -0.09 -3.17 -19.37
N GLN A 201 0.33 -1.97 -19.85
CA GLN A 201 0.45 -0.75 -19.03
C GLN A 201 -0.85 0.05 -18.88
N TRP A 202 -1.92 -0.37 -19.59
CA TRP A 202 -3.20 0.34 -19.54
C TRP A 202 -3.67 0.79 -18.14
N GLY A 203 -3.73 -0.13 -17.19
CA GLY A 203 -4.17 0.13 -15.82
C GLY A 203 -3.28 1.06 -15.03
N ASN A 204 -1.95 1.00 -15.27
CA ASN A 204 -0.97 1.86 -14.61
C ASN A 204 -1.12 3.29 -15.15
N ILE A 205 -1.40 3.38 -16.47
CA ILE A 205 -1.64 4.64 -17.18
C ILE A 205 -2.95 5.31 -16.71
N THR A 206 -4.09 4.57 -16.71
CA THR A 206 -5.38 5.14 -16.31
C THR A 206 -5.38 5.58 -14.83
N SER A 207 -4.57 4.93 -13.97
CA SER A 207 -4.47 5.36 -12.56
C SER A 207 -3.79 6.74 -12.50
N GLY A 208 -2.81 6.96 -13.40
CA GLY A 208 -2.09 8.22 -13.55
C GLY A 208 -3.00 9.32 -14.04
N ILE A 209 -3.87 8.99 -14.99
CA ILE A 209 -4.85 9.98 -15.49
C ILE A 209 -5.76 10.44 -14.35
N ASP A 210 -6.34 9.48 -13.62
CA ASP A 210 -7.25 9.79 -12.52
C ASP A 210 -6.54 10.56 -11.40
N LEU A 211 -5.35 10.13 -11.02
CA LEU A 211 -4.59 10.81 -9.97
C LEU A 211 -4.26 12.27 -10.34
N THR A 212 -3.87 12.53 -11.60
CA THR A 212 -3.54 13.87 -12.09
C THR A 212 -4.76 14.79 -11.97
N ARG A 213 -5.97 14.26 -12.22
CA ARG A 213 -7.19 15.04 -12.05
C ARG A 213 -7.39 15.39 -10.57
N ARG A 214 -7.19 14.43 -9.68
CA ARG A 214 -7.35 14.58 -8.24
C ARG A 214 -6.30 15.48 -7.58
N LEU A 215 -5.06 15.42 -8.02
CA LEU A 215 -3.98 16.22 -7.44
C LEU A 215 -3.79 17.58 -8.04
N HIS A 216 -3.78 17.66 -9.37
CA HIS A 216 -3.44 18.89 -10.09
C HIS A 216 -4.59 19.50 -10.86
N GLN A 217 -5.73 18.81 -10.89
CA GLN A 217 -6.95 19.30 -11.55
C GLN A 217 -6.65 19.61 -13.01
N ASN A 218 -5.96 18.67 -13.65
CA ASN A 218 -5.55 18.74 -15.05
C ASN A 218 -5.99 17.51 -15.80
N GLN A 219 -6.38 17.73 -17.05
CA GLN A 219 -6.80 16.67 -17.94
C GLN A 219 -5.61 16.17 -18.70
N VAL A 220 -5.35 14.86 -18.56
CA VAL A 220 -4.26 14.16 -19.28
C VAL A 220 -4.85 12.93 -19.97
N PHE A 221 -4.09 12.34 -20.89
CA PHE A 221 -4.51 11.26 -21.77
C PHE A 221 -3.58 10.06 -21.72
N GLY A 222 -4.08 8.94 -22.21
CA GLY A 222 -3.33 7.71 -22.26
C GLY A 222 -3.50 7.04 -23.59
N LEU A 223 -2.43 6.42 -24.09
CA LEU A 223 -2.45 5.67 -25.35
C LEU A 223 -1.56 4.44 -25.24
N THR A 224 -2.11 3.27 -25.57
CA THR A 224 -1.33 2.04 -25.55
C THR A 224 -1.13 1.50 -26.94
N VAL A 225 0.02 0.80 -27.10
CA VAL A 225 0.44 0.14 -28.34
C VAL A 225 0.12 -1.35 -28.12
N PRO A 226 -0.33 -2.10 -29.14
CA PRO A 226 -0.59 -3.54 -28.91
C PRO A 226 0.67 -4.31 -28.58
N LEU A 227 0.51 -5.37 -27.79
CA LEU A 227 1.69 -6.20 -27.53
C LEU A 227 1.82 -7.06 -28.78
N ILE A 228 2.97 -6.96 -29.42
CA ILE A 228 3.28 -7.59 -30.69
C ILE A 228 3.18 -9.11 -30.60
N THR A 229 2.39 -9.65 -31.52
CA THR A 229 2.08 -11.06 -31.61
C THR A 229 2.56 -11.66 -32.92
N LYS A 230 2.63 -12.99 -32.94
CA LYS A 230 2.97 -13.77 -34.11
C LYS A 230 1.71 -14.52 -34.52
N ALA A 231 1.45 -14.64 -35.84
CA ALA A 231 0.27 -15.31 -36.39
C ALA A 231 0.14 -16.78 -35.96
N ASP A 232 1.29 -17.48 -35.77
CA ASP A 232 1.35 -18.88 -35.36
C ASP A 232 1.18 -19.10 -33.83
N GLY A 233 0.78 -18.05 -33.11
CA GLY A 233 0.52 -18.07 -31.67
C GLY A 233 1.70 -18.20 -30.74
N THR A 234 2.94 -18.23 -31.30
CA THR A 234 4.17 -18.33 -30.51
C THR A 234 4.56 -16.96 -29.95
N LYS A 235 5.32 -16.96 -28.85
CA LYS A 235 5.78 -15.72 -28.19
C LYS A 235 6.82 -15.01 -29.04
N PHE A 236 6.62 -13.69 -29.26
CA PHE A 236 7.52 -12.83 -30.02
C PHE A 236 8.86 -12.67 -29.30
N GLY A 237 9.93 -12.48 -30.07
CA GLY A 237 11.29 -12.24 -29.58
C GLY A 237 11.96 -13.44 -28.95
N LYS A 238 11.29 -14.61 -28.97
CA LYS A 238 11.79 -15.87 -28.43
C LYS A 238 12.50 -16.69 -29.51
N ALA A 243 15.74 -14.29 -25.70
CA ALA A 243 15.33 -12.91 -25.99
C ALA A 243 16.27 -12.24 -27.00
N VAL A 244 15.76 -11.21 -27.73
CA VAL A 244 16.53 -10.44 -28.72
C VAL A 244 16.85 -9.07 -28.10
N TRP A 245 18.07 -8.90 -27.59
CA TRP A 245 18.48 -7.69 -26.88
C TRP A 245 18.98 -6.60 -27.80
N LEU A 246 18.93 -5.32 -27.35
CA LEU A 246 19.45 -4.22 -28.17
C LEU A 246 20.96 -4.10 -28.00
N ASP A 247 21.48 -4.56 -26.88
CA ASP A 247 22.90 -4.52 -26.53
C ASP A 247 23.68 -5.51 -27.45
N PRO A 248 24.65 -5.03 -28.29
CA PRO A 248 25.38 -5.96 -29.19
C PRO A 248 26.22 -7.05 -28.48
N LYS A 249 26.58 -6.84 -27.18
CA LYS A 249 27.31 -7.83 -26.36
C LYS A 249 26.37 -8.95 -25.87
N LYS A 250 25.05 -8.76 -25.98
CA LYS A 250 24.05 -9.78 -25.60
C LYS A 250 23.48 -10.42 -26.85
N THR A 251 23.26 -9.63 -27.91
CA THR A 251 22.75 -10.15 -29.17
C THR A 251 23.54 -9.44 -30.23
N SER A 252 24.44 -10.17 -30.92
CA SER A 252 25.27 -9.54 -31.94
C SER A 252 24.41 -8.88 -33.05
N PRO A 253 24.93 -7.84 -33.71
CA PRO A 253 24.20 -7.26 -34.84
C PRO A 253 23.89 -8.32 -35.92
N TYR A 254 24.80 -9.31 -36.18
CA TYR A 254 24.52 -10.38 -37.15
C TYR A 254 23.27 -11.19 -36.71
N LYS A 255 23.21 -11.64 -35.43
CA LYS A 255 22.07 -12.41 -34.90
C LYS A 255 20.77 -11.60 -34.98
N PHE A 256 20.86 -10.31 -34.66
CA PHE A 256 19.76 -9.35 -34.66
C PHE A 256 19.17 -9.30 -36.08
N TYR A 257 20.05 -9.08 -37.06
CA TYR A 257 19.70 -9.00 -38.49
C TYR A 257 19.06 -10.30 -38.95
N GLN A 258 19.66 -11.46 -38.61
CA GLN A 258 19.12 -12.77 -38.95
C GLN A 258 17.70 -13.02 -38.40
N PHE A 259 17.41 -12.57 -37.17
CA PHE A 259 16.08 -12.68 -36.55
C PHE A 259 15.03 -11.99 -37.41
N TRP A 260 15.36 -10.79 -37.93
CA TRP A 260 14.43 -10.07 -38.80
C TRP A 260 14.26 -10.73 -40.18
N ILE A 261 15.35 -11.28 -40.76
CA ILE A 261 15.34 -11.95 -42.06
C ILE A 261 14.40 -13.17 -42.01
N ASN A 262 14.33 -13.84 -40.84
CA ASN A 262 13.52 -15.05 -40.64
C ASN A 262 12.10 -14.78 -40.13
N THR A 263 11.60 -13.52 -40.24
CA THR A 263 10.22 -13.16 -39.88
C THR A 263 9.27 -13.93 -40.84
N ALA A 264 8.17 -14.48 -40.31
CA ALA A 264 7.17 -15.20 -41.11
C ALA A 264 6.50 -14.20 -42.05
N ASP A 265 6.06 -14.65 -43.25
CA ASP A 265 5.37 -13.82 -44.23
C ASP A 265 4.13 -13.19 -43.61
N ALA A 266 3.47 -13.91 -42.69
CA ALA A 266 2.26 -13.44 -42.00
C ALA A 266 2.52 -12.29 -41.01
N ASP A 267 3.79 -12.09 -40.59
CA ASP A 267 4.15 -11.04 -39.63
C ASP A 267 4.91 -9.85 -40.21
N VAL A 268 5.62 -10.04 -41.33
CA VAL A 268 6.58 -9.08 -41.88
C VAL A 268 5.98 -7.67 -42.13
N TYR A 269 4.74 -7.57 -42.66
CA TYR A 269 4.09 -6.28 -42.95
C TYR A 269 3.69 -5.54 -41.67
N ARG A 270 3.21 -6.27 -40.64
CA ARG A 270 2.87 -5.73 -39.32
C ARG A 270 4.18 -5.26 -38.64
N PHE A 271 5.26 -6.04 -38.78
CA PHE A 271 6.54 -5.70 -38.18
C PHE A 271 7.13 -4.47 -38.83
N LEU A 272 6.95 -4.30 -40.16
CA LEU A 272 7.39 -3.09 -40.86
C LEU A 272 6.69 -1.84 -40.26
N LYS A 273 5.37 -1.95 -40.01
CA LYS A 273 4.57 -0.90 -39.41
C LYS A 273 5.01 -0.55 -37.99
N PHE A 274 5.31 -1.58 -37.17
CA PHE A 274 5.71 -1.44 -35.76
C PHE A 274 7.15 -1.02 -35.53
N PHE A 275 8.11 -1.52 -36.33
CA PHE A 275 9.54 -1.30 -36.07
C PHE A 275 10.28 -0.36 -37.01
N THR A 276 9.58 0.22 -38.00
CA THR A 276 10.23 1.14 -38.96
C THR A 276 9.49 2.45 -39.10
N PHE A 277 10.14 3.45 -39.74
CA PHE A 277 9.57 4.76 -40.07
C PHE A 277 9.16 4.83 -41.55
N MET A 278 9.04 3.65 -42.18
CA MET A 278 8.59 3.54 -43.57
C MET A 278 7.12 3.96 -43.60
N SER A 279 6.72 4.74 -44.62
CA SER A 279 5.32 5.19 -44.72
C SER A 279 4.38 4.00 -44.88
N ILE A 280 3.14 4.15 -44.40
CA ILE A 280 2.11 3.12 -44.56
C ILE A 280 1.85 2.81 -46.08
N GLU A 281 2.06 3.81 -46.96
CA GLU A 281 1.91 3.69 -48.42
C GLU A 281 2.95 2.76 -49.04
N GLU A 282 4.24 2.91 -48.65
CA GLU A 282 5.32 2.04 -49.14
C GLU A 282 5.16 0.60 -48.65
N ILE A 283 4.68 0.42 -47.40
CA ILE A 283 4.46 -0.90 -46.79
C ILE A 283 3.32 -1.62 -47.52
N ASN A 284 2.20 -0.92 -47.76
CA ASN A 284 1.05 -1.46 -48.46
C ASN A 284 1.43 -1.81 -49.89
N ALA A 285 2.27 -0.95 -50.53
CA ALA A 285 2.77 -1.17 -51.89
C ALA A 285 3.69 -2.38 -51.91
N LEU A 286 4.55 -2.55 -50.86
CA LEU A 286 5.47 -3.69 -50.74
C LEU A 286 4.69 -5.01 -50.64
N GLU A 287 3.59 -5.03 -49.85
CA GLU A 287 2.71 -6.20 -49.65
C GLU A 287 2.08 -6.65 -50.98
N GLU A 288 1.55 -5.69 -51.77
CA GLU A 288 0.94 -5.93 -53.08
C GLU A 288 2.02 -6.32 -54.12
N GLU A 289 3.16 -5.62 -54.13
CA GLU A 289 4.29 -5.89 -55.04
C GLU A 289 4.99 -7.22 -54.77
N ASP A 290 4.91 -7.77 -53.54
CA ASP A 290 5.51 -9.06 -53.19
C ASP A 290 4.61 -10.21 -53.60
N LYS A 291 3.28 -10.00 -53.60
CA LYS A 291 2.30 -10.99 -54.03
C LYS A 291 2.23 -10.95 -55.56
N ASN A 292 2.69 -9.82 -56.17
CA ASN A 292 2.70 -9.50 -57.60
C ASN A 292 1.32 -9.61 -58.22
N ARG A 298 11.63 -10.67 -49.90
CA ARG A 298 11.74 -9.23 -50.12
C ARG A 298 11.50 -8.37 -48.85
N ALA A 299 10.23 -8.23 -48.39
CA ALA A 299 9.85 -7.44 -47.21
C ALA A 299 10.77 -7.72 -45.98
N GLN A 300 11.15 -8.98 -45.77
CA GLN A 300 12.03 -9.39 -44.66
C GLN A 300 13.41 -8.73 -44.75
N TYR A 301 13.92 -8.56 -45.99
CA TYR A 301 15.21 -7.94 -46.30
C TYR A 301 15.17 -6.46 -45.97
N VAL A 302 14.07 -5.79 -46.35
CA VAL A 302 13.82 -4.37 -46.07
C VAL A 302 13.66 -4.19 -44.55
N LEU A 303 12.91 -5.09 -43.89
CA LEU A 303 12.71 -5.03 -42.44
C LEU A 303 14.05 -5.17 -41.70
N ALA A 304 14.82 -6.22 -42.03
CA ALA A 304 16.13 -6.48 -41.40
C ALA A 304 17.09 -5.32 -41.58
N GLU A 305 17.14 -4.75 -42.77
CA GLU A 305 17.98 -3.60 -43.11
C GLU A 305 17.59 -2.37 -42.26
N GLN A 306 16.28 -2.01 -42.25
CA GLN A 306 15.79 -0.84 -41.52
C GLN A 306 16.02 -0.94 -40.02
N VAL A 307 15.62 -2.06 -39.39
CA VAL A 307 15.71 -2.19 -37.94
C VAL A 307 17.17 -2.37 -37.50
N THR A 308 18.01 -3.10 -38.30
CA THR A 308 19.43 -3.27 -37.92
C THR A 308 20.14 -1.92 -37.97
N ARG A 309 19.87 -1.11 -39.01
CA ARG A 309 20.46 0.22 -39.13
C ARG A 309 20.01 1.12 -37.96
N LEU A 310 18.72 1.05 -37.58
CA LEU A 310 18.11 1.86 -36.51
C LEU A 310 18.76 1.56 -35.17
N VAL A 311 18.99 0.27 -34.87
CA VAL A 311 19.52 -0.12 -33.57
C VAL A 311 21.06 -0.15 -33.52
N HIS A 312 21.74 -0.67 -34.56
CA HIS A 312 23.20 -0.86 -34.55
C HIS A 312 23.99 0.04 -35.51
N GLY A 313 23.30 0.97 -36.16
CA GLY A 313 23.94 1.91 -37.07
C GLY A 313 24.27 1.32 -38.43
N GLU A 314 24.79 2.16 -39.32
CA GLU A 314 25.25 1.73 -40.64
C GLU A 314 26.35 0.68 -40.51
N GLU A 315 27.30 0.86 -39.56
CA GLU A 315 28.40 -0.06 -39.33
C GLU A 315 27.91 -1.44 -38.86
N GLY A 316 26.91 -1.46 -37.99
CA GLY A 316 26.29 -2.69 -37.48
C GLY A 316 25.61 -3.46 -38.58
N LEU A 317 24.87 -2.73 -39.45
CA LEU A 317 24.17 -3.30 -40.59
C LEU A 317 25.17 -3.89 -41.61
N GLN A 318 26.23 -3.12 -41.94
CA GLN A 318 27.22 -3.60 -42.91
C GLN A 318 27.93 -4.84 -42.38
N ALA A 319 28.20 -4.88 -41.05
CA ALA A 319 28.82 -6.07 -40.46
C ALA A 319 27.89 -7.28 -40.58
N ALA A 320 26.58 -7.09 -40.30
CA ALA A 320 25.58 -8.16 -40.32
C ALA A 320 25.45 -8.73 -41.74
N LYS A 321 25.39 -7.86 -42.75
CA LYS A 321 25.30 -8.28 -44.16
C LYS A 321 26.57 -9.00 -44.62
N ARG A 322 27.76 -8.46 -44.25
CA ARG A 322 29.07 -9.00 -44.60
C ARG A 322 29.21 -10.43 -44.02
N ILE A 323 28.81 -10.63 -42.75
CA ILE A 323 28.84 -11.94 -42.10
C ILE A 323 27.88 -12.91 -42.80
N THR A 324 26.64 -12.45 -43.08
CA THR A 324 25.62 -13.25 -43.78
C THR A 324 26.15 -13.74 -45.14
N GLU A 325 26.71 -12.80 -45.96
CA GLU A 325 27.25 -13.13 -47.28
CA GLU A 325 27.25 -13.11 -47.29
C GLU A 325 28.43 -14.09 -47.20
N CYS A 326 29.36 -13.87 -46.28
CA CYS A 326 30.53 -14.74 -46.09
C CYS A 326 30.14 -16.16 -45.71
N LEU A 327 29.17 -16.32 -44.83
CA LEU A 327 28.68 -17.64 -44.45
C LEU A 327 27.95 -18.32 -45.62
N PHE A 328 27.16 -17.56 -46.38
CA PHE A 328 26.46 -18.14 -47.53
C PHE A 328 27.44 -18.55 -48.65
N SER A 329 28.51 -17.76 -48.87
CA SER A 329 29.48 -18.01 -49.93
C SER A 329 30.61 -18.99 -49.58
N GLY A 330 31.14 -18.88 -48.36
CA GLY A 330 32.28 -19.65 -47.88
C GLY A 330 33.55 -18.85 -48.04
N SER A 331 33.47 -17.66 -48.66
CA SER A 331 34.63 -16.79 -48.82
C SER A 331 34.68 -15.88 -47.61
N LEU A 332 35.71 -16.06 -46.76
CA LEU A 332 35.84 -15.36 -45.47
C LEU A 332 36.82 -14.20 -45.44
N SER A 333 37.52 -13.93 -46.56
CA SER A 333 38.52 -12.88 -46.65
C SER A 333 38.00 -11.50 -46.23
N ALA A 334 36.69 -11.20 -46.52
CA ALA A 334 36.03 -9.95 -46.12
C ALA A 334 35.83 -9.82 -44.60
N LEU A 335 35.90 -10.94 -43.84
CA LEU A 335 35.66 -10.89 -42.38
C LEU A 335 36.82 -10.34 -41.56
N SER A 336 36.51 -9.38 -40.66
CA SER A 336 37.47 -8.81 -39.73
C SER A 336 37.51 -9.68 -38.46
N GLU A 337 38.44 -9.39 -37.58
CA GLU A 337 38.51 -10.14 -36.31
C GLU A 337 37.23 -9.89 -35.49
N ALA A 338 36.72 -8.63 -35.51
CA ALA A 338 35.50 -8.22 -34.84
C ALA A 338 34.31 -9.03 -35.40
N ASP A 339 34.27 -9.31 -36.73
CA ASP A 339 33.22 -10.17 -37.31
C ASP A 339 33.29 -11.59 -36.74
N PHE A 340 34.53 -12.15 -36.57
CA PHE A 340 34.67 -13.48 -35.99
C PHE A 340 34.22 -13.46 -34.52
N GLU A 341 34.39 -12.32 -33.83
CA GLU A 341 33.90 -12.18 -32.44
C GLU A 341 32.38 -12.25 -32.36
N GLN A 342 31.67 -11.74 -33.39
CA GLN A 342 30.21 -11.86 -33.45
C GLN A 342 29.84 -13.37 -33.66
N LEU A 343 30.56 -14.06 -34.57
CA LEU A 343 30.33 -15.50 -34.82
C LEU A 343 30.53 -16.30 -33.58
N ALA A 344 31.64 -16.04 -32.85
CA ALA A 344 31.96 -16.74 -31.60
C ALA A 344 30.91 -16.50 -30.50
N GLN A 345 30.44 -15.24 -30.38
CA GLN A 345 29.43 -14.88 -29.37
C GLN A 345 28.11 -15.66 -29.58
N ASP A 346 27.52 -15.60 -30.77
CA ASP A 346 26.21 -16.25 -30.99
C ASP A 346 25.84 -16.54 -32.44
N GLY A 347 26.75 -16.24 -33.38
CA GLY A 347 26.47 -16.36 -34.81
C GLY A 347 26.39 -17.79 -35.33
N VAL A 348 27.30 -18.62 -34.87
CA VAL A 348 27.37 -20.03 -35.26
C VAL A 348 27.78 -20.83 -34.03
N PRO A 349 27.58 -22.18 -34.02
CA PRO A 349 28.11 -22.97 -32.89
C PRO A 349 29.64 -22.79 -32.80
N MET A 350 30.17 -22.82 -31.60
CA MET A 350 31.60 -22.66 -31.42
C MET A 350 32.16 -23.68 -30.47
N VAL A 351 33.45 -23.99 -30.63
CA VAL A 351 34.13 -24.93 -29.74
C VAL A 351 35.55 -24.41 -29.49
N GLU A 352 36.00 -24.49 -28.24
CA GLU A 352 37.36 -24.13 -27.86
C GLU A 352 38.22 -25.37 -27.95
N MET A 353 39.38 -25.25 -28.62
CA MET A 353 40.26 -26.38 -28.85
C MET A 353 41.72 -26.03 -28.67
N GLU A 354 42.50 -27.01 -28.23
CA GLU A 354 43.93 -26.77 -28.09
C GLU A 354 44.58 -26.89 -29.47
N LYS A 355 45.52 -25.97 -29.78
CA LYS A 355 46.29 -26.04 -31.04
C LYS A 355 47.03 -27.39 -31.10
N GLY A 356 47.04 -27.99 -32.28
CA GLY A 356 47.65 -29.31 -32.47
C GLY A 356 46.62 -30.38 -32.68
N ALA A 357 45.32 -30.08 -32.41
CA ALA A 357 44.20 -30.99 -32.67
C ALA A 357 44.14 -31.29 -34.20
N ASP A 358 43.91 -32.56 -34.60
CA ASP A 358 43.78 -32.84 -36.04
C ASP A 358 42.36 -32.54 -36.52
N LEU A 359 42.16 -32.56 -37.84
CA LEU A 359 40.85 -32.32 -38.44
C LEU A 359 39.79 -33.31 -37.90
N MET A 360 40.14 -34.63 -37.78
CA MET A 360 39.23 -35.65 -37.24
C MET A 360 38.77 -35.27 -35.84
N GLN A 361 39.70 -34.84 -34.95
CA GLN A 361 39.33 -34.46 -33.57
C GLN A 361 38.48 -33.22 -33.53
N ALA A 362 38.79 -32.25 -34.38
CA ALA A 362 38.00 -31.03 -34.43
C ALA A 362 36.55 -31.35 -34.83
N LEU A 363 36.35 -32.32 -35.75
CA LEU A 363 34.99 -32.67 -36.18
C LEU A 363 34.20 -33.36 -35.05
N VAL A 364 34.88 -34.19 -34.28
CA VAL A 364 34.30 -34.92 -33.15
C VAL A 364 33.97 -33.93 -32.02
N ASP A 365 34.96 -33.12 -31.61
CA ASP A 365 34.82 -32.16 -30.49
C ASP A 365 33.75 -31.13 -30.73
N SER A 366 33.61 -30.67 -31.99
CA SER A 366 32.59 -29.71 -32.40
C SER A 366 31.22 -30.42 -32.49
N GLU A 367 31.19 -31.75 -32.39
CA GLU A 367 29.97 -32.56 -32.54
C GLU A 367 29.44 -32.54 -34.00
N LEU A 368 30.27 -32.10 -34.96
CA LEU A 368 29.88 -32.20 -36.39
C LEU A 368 29.98 -33.66 -36.81
N GLN A 369 30.83 -34.45 -36.11
CA GLN A 369 31.00 -35.90 -36.37
C GLN A 369 30.94 -36.73 -35.07
N PRO A 370 30.42 -37.98 -35.11
CA PRO A 370 30.23 -38.72 -33.85
C PRO A 370 31.47 -39.47 -33.35
N SER A 371 32.41 -39.79 -34.27
CA SER A 371 33.63 -40.52 -33.93
C SER A 371 34.71 -40.23 -34.96
N ARG A 372 35.98 -40.53 -34.61
CA ARG A 372 37.12 -40.34 -35.49
C ARG A 372 36.96 -41.19 -36.76
N GLY A 373 36.54 -42.45 -36.62
CA GLY A 373 36.31 -43.38 -37.72
C GLY A 373 35.27 -42.85 -38.71
N GLN A 374 34.17 -42.26 -38.18
CA GLN A 374 33.16 -41.67 -39.06
C GLN A 374 33.69 -40.38 -39.67
N ALA A 375 34.37 -39.53 -38.87
CA ALA A 375 34.94 -38.27 -39.38
C ALA A 375 35.88 -38.52 -40.58
N ARG A 376 36.69 -39.62 -40.54
CA ARG A 376 37.62 -39.99 -41.63
C ARG A 376 36.86 -40.21 -42.95
N LYS A 377 35.70 -40.91 -42.90
CA LYS A 377 34.89 -41.17 -44.10
C LYS A 377 34.28 -39.86 -44.62
N THR A 378 33.74 -39.03 -43.71
CA THR A 378 33.12 -37.76 -44.05
C THR A 378 34.15 -36.84 -44.70
N ILE A 379 35.40 -36.79 -44.15
CA ILE A 379 36.45 -35.98 -44.76
C ILE A 379 36.75 -36.53 -46.16
N ALA A 380 36.96 -37.87 -46.29
CA ALA A 380 37.26 -38.54 -47.57
C ALA A 380 36.19 -38.26 -48.62
N SER A 381 34.91 -38.18 -48.20
CA SER A 381 33.77 -37.91 -49.10
C SER A 381 33.70 -36.45 -49.63
N ASN A 382 34.67 -35.60 -49.28
CA ASN A 382 34.77 -34.16 -49.68
C ASN A 382 33.63 -33.29 -49.11
N ALA A 383 33.14 -33.62 -47.90
CA ALA A 383 32.04 -32.88 -47.27
C ALA A 383 32.50 -31.68 -46.39
N ILE A 384 33.80 -31.60 -46.12
CA ILE A 384 34.35 -30.64 -45.17
C ILE A 384 35.13 -29.49 -45.79
N THR A 385 34.83 -28.27 -45.31
CA THR A 385 35.58 -27.04 -45.67
C THR A 385 36.25 -26.46 -44.45
N ILE A 386 37.44 -25.90 -44.66
CA ILE A 386 38.21 -25.24 -43.62
C ILE A 386 38.35 -23.82 -44.14
N ASN A 387 37.75 -22.85 -43.44
CA ASN A 387 37.69 -21.43 -43.83
C ASN A 387 37.23 -21.29 -45.28
N GLY A 388 36.26 -22.12 -45.67
CA GLY A 388 35.68 -22.12 -47.02
C GLY A 388 36.38 -22.97 -48.07
N GLU A 389 37.56 -23.55 -47.76
CA GLU A 389 38.30 -24.38 -48.71
C GLU A 389 38.10 -25.82 -48.39
N LYS A 390 37.85 -26.63 -49.41
CA LYS A 390 37.66 -28.06 -49.23
C LYS A 390 38.94 -28.75 -48.75
N GLN A 391 38.77 -29.73 -47.88
CA GLN A 391 39.91 -30.52 -47.39
C GLN A 391 39.38 -31.93 -47.28
N SER A 392 39.91 -32.82 -48.13
CA SER A 392 39.44 -34.21 -48.20
C SER A 392 40.48 -35.23 -47.74
N ASP A 393 41.62 -34.78 -47.17
CA ASP A 393 42.63 -35.69 -46.62
C ASP A 393 42.21 -35.97 -45.15
N PRO A 394 41.81 -37.22 -44.82
CA PRO A 394 41.35 -37.50 -43.45
C PRO A 394 42.39 -37.40 -42.35
N GLU A 395 43.69 -37.48 -42.70
CA GLU A 395 44.82 -37.41 -41.77
C GLU A 395 45.36 -35.99 -41.61
N TYR A 396 44.64 -35.03 -42.18
CA TYR A 396 45.01 -33.61 -42.13
C TYR A 396 45.13 -32.98 -40.74
N PHE A 397 46.19 -32.16 -40.60
CA PHE A 397 46.39 -31.28 -39.45
C PHE A 397 46.32 -29.86 -40.00
N PHE A 398 45.62 -28.97 -39.29
CA PHE A 398 45.50 -27.55 -39.66
C PHE A 398 46.86 -26.85 -39.78
N LYS A 399 46.98 -25.98 -40.77
CA LYS A 399 48.21 -25.23 -40.92
C LYS A 399 48.05 -24.02 -40.01
N GLU A 400 49.16 -23.43 -39.56
CA GLU A 400 49.11 -22.22 -38.72
C GLU A 400 48.36 -21.08 -39.41
N GLU A 401 48.48 -20.96 -40.74
CA GLU A 401 47.79 -19.90 -41.52
C GLU A 401 46.27 -20.08 -41.50
N GLU A 402 45.79 -21.30 -41.19
CA GLU A 402 44.35 -21.57 -41.12
C GLU A 402 43.72 -21.11 -39.80
N ARG A 403 44.57 -20.74 -38.81
CA ARG A 403 44.14 -20.13 -37.54
C ARG A 403 44.17 -18.63 -37.79
N LEU A 404 43.06 -18.12 -38.34
CA LEU A 404 42.92 -16.70 -38.70
C LEU A 404 43.08 -15.83 -37.50
N PHE A 405 43.94 -14.80 -37.60
CA PHE A 405 44.28 -13.89 -36.49
C PHE A 405 44.92 -14.67 -35.34
N GLY A 406 45.41 -15.88 -35.67
CA GLY A 406 46.00 -16.85 -34.74
C GLY A 406 44.96 -17.43 -33.79
N ARG A 407 43.64 -17.21 -34.06
CA ARG A 407 42.59 -17.58 -33.11
C ARG A 407 41.42 -18.36 -33.67
N PHE A 408 41.08 -18.17 -34.96
CA PHE A 408 39.84 -18.76 -35.47
C PHE A 408 39.94 -19.63 -36.70
N THR A 409 39.19 -20.72 -36.70
CA THR A 409 39.08 -21.59 -37.87
C THR A 409 37.64 -21.95 -38.02
N LEU A 410 37.07 -21.68 -39.18
CA LEU A 410 35.66 -21.98 -39.37
C LEU A 410 35.49 -23.27 -40.16
N LEU A 411 34.92 -24.27 -39.50
CA LEU A 411 34.64 -25.55 -40.15
C LEU A 411 33.22 -25.57 -40.70
N ARG A 412 33.03 -26.28 -41.81
CA ARG A 412 31.67 -26.49 -42.35
C ARG A 412 31.58 -27.93 -42.82
N ARG A 413 30.47 -28.60 -42.50
CA ARG A 413 30.15 -29.96 -42.91
C ARG A 413 28.95 -29.82 -43.81
N GLY A 414 29.11 -30.26 -45.05
CA GLY A 414 28.08 -30.11 -46.06
C GLY A 414 27.89 -28.65 -46.44
N LYS A 415 26.67 -28.30 -46.87
CA LYS A 415 26.36 -26.95 -47.32
C LYS A 415 26.10 -25.91 -46.22
N LYS A 416 25.63 -26.33 -45.02
CA LYS A 416 25.19 -25.36 -44.02
C LYS A 416 25.58 -25.58 -42.57
N ASN A 417 26.20 -26.73 -42.21
CA ASN A 417 26.52 -26.96 -40.80
C ASN A 417 27.89 -26.40 -40.42
N TYR A 418 27.89 -25.23 -39.80
CA TYR A 418 29.11 -24.56 -39.37
C TYR A 418 29.45 -24.84 -37.92
N CYS A 419 30.75 -24.79 -37.59
CA CYS A 419 31.24 -24.69 -36.22
C CYS A 419 32.53 -23.88 -36.23
N LEU A 420 32.60 -22.83 -35.42
CA LEU A 420 33.80 -22.02 -35.33
C LEU A 420 34.72 -22.61 -34.27
N ILE A 421 35.97 -22.91 -34.67
CA ILE A 421 36.97 -23.33 -33.70
C ILE A 421 37.64 -22.06 -33.16
N CYS A 422 37.68 -21.91 -31.83
CA CYS A 422 38.40 -20.86 -31.11
C CYS A 422 39.60 -21.53 -30.44
N TRP A 423 40.78 -21.34 -31.05
CA TRP A 423 42.03 -21.94 -30.58
C TRP A 423 42.46 -21.35 -29.23
N LYS A 424 42.81 -22.23 -28.28
CA LYS A 424 43.20 -21.84 -26.92
C LYS A 424 44.56 -21.15 -26.86
N SER B 4 -0.96 -16.51 41.08
CA SER B 4 0.34 -16.81 40.50
C SER B 4 0.31 -16.73 38.96
N ASN B 5 -0.63 -17.43 38.30
CA ASN B 5 -0.76 -17.43 36.84
C ASN B 5 -1.64 -16.27 36.36
N LEU B 6 -1.01 -15.23 35.78
CA LEU B 6 -1.68 -14.03 35.32
C LEU B 6 -2.66 -14.25 34.14
N ILE B 7 -2.30 -15.03 33.11
CA ILE B 7 -3.23 -15.26 31.98
C ILE B 7 -4.52 -15.92 32.49
N LYS B 8 -4.35 -16.91 33.35
CA LYS B 8 -5.44 -17.64 33.99
C LYS B 8 -6.33 -16.71 34.81
N GLN B 9 -5.70 -15.77 35.56
CA GLN B 9 -6.42 -14.77 36.35
C GLN B 9 -7.23 -13.85 35.43
N LEU B 10 -6.64 -13.40 34.31
CA LEU B 10 -7.37 -12.54 33.36
C LEU B 10 -8.51 -13.31 32.69
N GLN B 11 -8.29 -14.60 32.40
CA GLN B 11 -9.30 -15.49 31.82
C GLN B 11 -10.52 -15.59 32.74
N GLU B 12 -10.29 -15.76 34.06
CA GLU B 12 -11.35 -15.85 35.07
C GLU B 12 -12.19 -14.57 35.20
N ARG B 13 -11.59 -13.40 34.87
CA ARG B 13 -12.26 -12.09 34.89
C ARG B 13 -13.08 -11.92 33.61
N GLY B 14 -12.89 -12.84 32.68
CA GLY B 14 -13.53 -12.80 31.36
C GLY B 14 -12.86 -11.80 30.46
N LEU B 15 -11.59 -11.44 30.77
CA LEU B 15 -10.82 -10.43 30.03
C LEU B 15 -9.98 -10.95 28.84
N VAL B 16 -10.08 -12.24 28.50
CA VAL B 16 -9.30 -12.82 27.40
C VAL B 16 -10.21 -13.29 26.27
N ALA B 17 -10.17 -12.59 25.15
CA ALA B 17 -10.92 -12.96 23.93
C ALA B 17 -10.07 -13.99 23.17
N GLN B 18 -8.79 -13.66 22.90
CA GLN B 18 -7.83 -14.51 22.19
C GLN B 18 -6.43 -14.25 22.72
N VAL B 19 -5.56 -15.25 22.58
CA VAL B 19 -4.16 -15.21 23.02
C VAL B 19 -3.32 -16.15 22.16
N THR B 20 -2.15 -15.69 21.70
CA THR B 20 -1.23 -16.51 20.91
C THR B 20 -0.37 -17.30 21.86
N ASP B 21 -0.22 -18.62 21.59
CA ASP B 21 0.57 -19.57 22.37
C ASP B 21 0.44 -19.32 23.88
N GLU B 22 -0.78 -19.55 24.39
CA GLU B 22 -1.18 -19.40 25.80
C GLU B 22 -0.15 -20.04 26.76
N GLU B 23 0.42 -21.21 26.37
CA GLU B 23 1.41 -21.95 27.17
C GLU B 23 2.76 -21.25 27.23
N ALA B 24 3.36 -20.93 26.05
CA ALA B 24 4.68 -20.26 25.99
C ALA B 24 4.67 -18.86 26.61
N LEU B 25 3.56 -18.12 26.45
CA LEU B 25 3.44 -16.80 27.05
C LEU B 25 3.37 -16.93 28.58
N ALA B 26 2.59 -17.91 29.08
CA ALA B 26 2.49 -18.19 30.52
C ALA B 26 3.85 -18.54 31.10
N GLU B 27 4.71 -19.23 30.30
CA GLU B 27 6.07 -19.62 30.69
C GLU B 27 6.95 -18.38 30.79
N ARG B 28 6.91 -17.49 29.74
CA ARG B 28 7.69 -16.25 29.71
CA ARG B 28 7.69 -16.25 29.71
C ARG B 28 7.36 -15.35 30.89
N LEU B 29 6.04 -15.20 31.23
CA LEU B 29 5.56 -14.38 32.35
C LEU B 29 6.06 -14.94 33.70
N ALA B 30 6.12 -16.29 33.82
CA ALA B 30 6.60 -17.01 35.00
C ALA B 30 8.13 -16.93 35.19
N GLN B 31 8.90 -16.73 34.08
CA GLN B 31 10.37 -16.62 34.13
C GLN B 31 10.80 -15.31 34.81
N GLY B 32 9.98 -14.28 34.70
CA GLY B 32 10.22 -12.96 35.28
C GLY B 32 9.43 -11.86 34.59
N PRO B 33 9.77 -10.57 34.84
CA PRO B 33 9.02 -9.46 34.22
C PRO B 33 9.21 -9.32 32.71
N ILE B 34 8.13 -8.94 32.03
CA ILE B 34 8.16 -8.70 30.59
C ILE B 34 7.77 -7.24 30.31
N ALA B 35 8.08 -6.76 29.11
CA ALA B 35 7.62 -5.46 28.63
C ALA B 35 6.45 -5.79 27.70
N LEU B 36 5.37 -5.01 27.79
CA LEU B 36 4.17 -5.19 26.96
C LEU B 36 3.68 -3.84 26.48
N TYR B 37 2.80 -3.84 25.46
CA TYR B 37 2.27 -2.58 24.99
C TYR B 37 0.86 -2.65 24.50
N CYS B 38 0.24 -1.48 24.46
CA CYS B 38 -1.05 -1.24 23.84
C CYS B 38 -0.98 0.15 23.23
N GLY B 39 -1.53 0.29 22.03
CA GLY B 39 -1.57 1.57 21.35
C GLY B 39 -2.96 2.15 21.32
N PHE B 40 -3.03 3.48 21.21
CA PHE B 40 -4.27 4.24 21.18
C PHE B 40 -4.10 5.31 20.12
N ASP B 41 -5.02 5.34 19.16
CA ASP B 41 -4.97 6.34 18.09
C ASP B 41 -5.69 7.61 18.44
N PRO B 42 -5.10 8.77 18.08
CA PRO B 42 -5.78 10.05 18.30
C PRO B 42 -6.85 10.33 17.22
N THR B 43 -8.09 9.91 17.49
CA THR B 43 -9.21 10.15 16.55
C THR B 43 -10.23 11.11 17.16
N ALA B 44 -9.98 11.51 18.41
CA ALA B 44 -10.76 12.45 19.19
C ALA B 44 -9.80 13.10 20.21
N ASP B 45 -10.27 14.13 20.95
CA ASP B 45 -9.50 14.84 21.99
C ASP B 45 -9.55 14.13 23.36
N SER B 46 -10.15 12.94 23.41
CA SER B 46 -10.28 12.12 24.61
C SER B 46 -10.47 10.64 24.26
N LEU B 47 -10.12 9.75 25.20
CA LEU B 47 -10.44 8.34 25.13
C LEU B 47 -11.87 8.18 25.71
N HIS B 48 -12.52 7.04 25.43
CA HIS B 48 -13.83 6.71 25.99
C HIS B 48 -13.72 5.38 26.78
N LEU B 49 -14.86 4.87 27.34
CA LEU B 49 -14.90 3.64 28.15
C LEU B 49 -14.35 2.40 27.46
N GLY B 50 -14.61 2.26 26.16
CA GLY B 50 -14.09 1.17 25.36
C GLY B 50 -12.57 1.07 25.48
N HIS B 51 -11.89 2.23 25.36
CA HIS B 51 -10.42 2.35 25.45
C HIS B 51 -9.88 2.04 26.84
N LEU B 52 -10.71 2.26 27.87
CA LEU B 52 -10.32 2.03 29.25
C LEU B 52 -10.02 0.55 29.56
N VAL B 53 -10.79 -0.39 28.99
CA VAL B 53 -10.57 -1.83 29.23
C VAL B 53 -9.10 -2.24 28.98
N PRO B 54 -8.50 -2.06 27.76
CA PRO B 54 -7.07 -2.42 27.60
C PRO B 54 -6.12 -1.58 28.41
N LEU B 55 -6.42 -0.28 28.60
CA LEU B 55 -5.60 0.61 29.43
C LEU B 55 -5.50 0.10 30.88
N LEU B 56 -6.61 -0.34 31.46
CA LEU B 56 -6.58 -0.89 32.84
C LEU B 56 -5.86 -2.24 32.85
N CYS B 57 -5.92 -2.98 31.72
CA CYS B 57 -5.18 -4.24 31.61
C CYS B 57 -3.67 -3.98 31.64
N LEU B 58 -3.21 -2.83 31.05
CA LEU B 58 -1.78 -2.43 31.13
C LEU B 58 -1.41 -2.27 32.62
N LYS B 59 -2.33 -1.75 33.45
CA LYS B 59 -2.13 -1.60 34.90
C LYS B 59 -2.15 -2.96 35.59
N ARG B 60 -3.04 -3.89 35.16
CA ARG B 60 -3.13 -5.26 35.73
C ARG B 60 -1.81 -6.00 35.51
N PHE B 61 -1.19 -5.82 34.32
CA PHE B 61 0.12 -6.43 34.04
C PHE B 61 1.21 -5.79 34.90
N GLN B 62 1.18 -4.43 35.03
CA GLN B 62 2.14 -3.68 35.85
C GLN B 62 2.08 -4.07 37.34
N GLN B 63 0.88 -4.35 37.85
CA GLN B 63 0.71 -4.78 39.25
C GLN B 63 1.34 -6.16 39.49
N ALA B 64 1.39 -7.01 38.44
CA ALA B 64 2.01 -8.34 38.46
C ALA B 64 3.56 -8.28 38.26
N GLY B 65 4.11 -7.06 38.11
CA GLY B 65 5.55 -6.84 37.96
C GLY B 65 6.03 -6.54 36.55
N HIS B 66 5.11 -6.50 35.58
CA HIS B 66 5.49 -6.26 34.19
C HIS B 66 5.56 -4.76 33.85
N LYS B 67 6.24 -4.44 32.76
CA LYS B 67 6.51 -3.08 32.30
C LYS B 67 5.58 -2.65 31.16
N PRO B 68 4.63 -1.72 31.39
CA PRO B 68 3.74 -1.31 30.31
C PRO B 68 4.22 -0.15 29.46
N VAL B 69 4.03 -0.26 28.15
CA VAL B 69 4.32 0.81 27.21
C VAL B 69 2.95 1.25 26.64
N ALA B 70 2.61 2.52 26.81
CA ALA B 70 1.38 3.11 26.31
C ALA B 70 1.77 3.89 25.07
N LEU B 71 1.42 3.36 23.89
CA LEU B 71 1.76 4.09 22.66
C LEU B 71 0.59 4.93 22.18
N VAL B 72 0.89 6.16 21.75
CA VAL B 72 -0.09 7.06 21.15
C VAL B 72 0.29 7.17 19.68
N GLY B 73 -0.67 6.89 18.81
CA GLY B 73 -0.48 6.84 17.36
C GLY B 73 -0.34 8.14 16.62
N GLY B 74 0.74 8.88 16.89
CA GLY B 74 1.03 10.13 16.18
C GLY B 74 1.12 9.93 14.68
N ALA B 75 1.63 8.75 14.23
CA ALA B 75 1.70 8.46 12.80
C ALA B 75 0.43 7.78 12.32
N THR B 76 -0.06 6.77 13.08
CA THR B 76 -1.24 5.97 12.70
C THR B 76 -2.52 6.83 12.70
N GLY B 77 -2.57 7.85 13.57
CA GLY B 77 -3.70 8.81 13.58
C GLY B 77 -3.77 9.66 12.33
N LEU B 78 -2.67 9.71 11.55
CA LEU B 78 -2.66 10.43 10.27
C LEU B 78 -3.09 9.52 9.09
N ILE B 79 -3.30 8.21 9.39
CA ILE B 79 -3.63 7.19 8.40
C ILE B 79 -5.06 6.68 8.55
N GLY B 80 -5.43 6.27 9.77
CA GLY B 80 -6.78 5.78 10.09
C GLY B 80 -6.95 4.27 10.07
N ASP B 81 -7.26 3.69 11.24
CA ASP B 81 -7.49 2.25 11.37
C ASP B 81 -8.88 1.88 10.78
N PRO B 82 -8.96 0.99 9.75
CA PRO B 82 -10.29 0.63 9.21
C PRO B 82 -10.95 -0.58 9.89
N SER B 83 -10.25 -1.23 10.83
CA SER B 83 -10.64 -2.46 11.51
C SER B 83 -12.07 -2.45 12.02
N PHE B 84 -12.94 -3.23 11.34
CA PHE B 84 -14.37 -3.42 11.63
C PHE B 84 -15.17 -2.12 11.54
N LYS B 85 -14.65 -1.13 10.79
CA LYS B 85 -15.32 0.15 10.57
C LYS B 85 -16.01 0.07 9.23
N ALA B 86 -17.31 0.39 9.22
CA ALA B 86 -18.15 0.31 8.04
C ALA B 86 -17.77 1.33 6.97
N ALA B 87 -17.29 2.51 7.38
CA ALA B 87 -16.99 3.57 6.41
C ALA B 87 -15.60 4.15 6.52
N GLU B 88 -15.12 4.67 5.40
CA GLU B 88 -13.86 5.36 5.22
C GLU B 88 -13.94 6.65 6.03
N ARG B 89 -12.93 6.91 6.85
CA ARG B 89 -12.87 8.13 7.66
C ARG B 89 -12.16 9.21 6.86
N LYS B 90 -12.57 10.49 7.03
CA LYS B 90 -11.88 11.59 6.35
C LYS B 90 -10.52 11.76 7.03
N LEU B 91 -9.51 12.22 6.30
CA LEU B 91 -8.20 12.43 6.91
C LEU B 91 -8.26 13.63 7.85
N ASN B 92 -7.56 13.54 8.98
CA ASN B 92 -7.44 14.66 9.90
C ASN B 92 -6.14 15.41 9.58
N THR B 93 -6.06 16.73 9.88
CA THR B 93 -4.85 17.51 9.62
C THR B 93 -3.74 17.15 10.62
N GLU B 94 -2.48 17.38 10.24
CA GLU B 94 -1.32 17.19 11.12
C GLU B 94 -1.43 17.98 12.45
N GLU B 95 -1.92 19.23 12.37
CA GLU B 95 -2.09 20.13 13.52
C GLU B 95 -3.12 19.62 14.53
N THR B 96 -4.28 19.15 14.05
CA THR B 96 -5.35 18.57 14.88
C THR B 96 -4.88 17.26 15.54
N VAL B 97 -4.20 16.38 14.76
CA VAL B 97 -3.70 15.10 15.30
C VAL B 97 -2.65 15.36 16.40
N GLN B 98 -1.73 16.35 16.19
CA GLN B 98 -0.74 16.69 17.21
C GLN B 98 -1.41 17.17 18.55
N GLU B 99 -2.51 17.96 18.46
CA GLU B 99 -3.28 18.46 19.61
C GLU B 99 -3.89 17.28 20.38
N TRP B 100 -4.53 16.35 19.65
CA TRP B 100 -5.17 15.15 20.20
C TRP B 100 -4.15 14.19 20.79
N VAL B 101 -2.94 14.09 20.18
CA VAL B 101 -1.84 13.24 20.67
C VAL B 101 -1.47 13.69 22.11
N ASP B 102 -1.26 15.00 22.30
CA ASP B 102 -0.90 15.57 23.61
C ASP B 102 -1.99 15.35 24.67
N LYS B 103 -3.27 15.52 24.28
CA LYS B 103 -4.40 15.31 25.17
C LYS B 103 -4.53 13.84 25.63
N ILE B 104 -4.40 12.89 24.68
CA ILE B 104 -4.47 11.45 24.96
C ILE B 104 -3.28 10.98 25.81
N ARG B 105 -2.05 11.42 25.47
CA ARG B 105 -0.86 11.08 26.27
C ARG B 105 -1.06 11.49 27.75
N LYS B 106 -1.51 12.74 27.99
CA LYS B 106 -1.79 13.28 29.32
C LYS B 106 -2.94 12.59 30.04
N GLN B 107 -4.00 12.21 29.31
CA GLN B 107 -5.15 11.51 29.92
C GLN B 107 -4.77 10.06 30.35
N VAL B 108 -3.91 9.40 29.57
CA VAL B 108 -3.44 8.01 29.81
C VAL B 108 -2.48 7.90 31.00
N ALA B 109 -1.51 8.81 31.10
CA ALA B 109 -0.44 8.81 32.09
C ALA B 109 -0.86 8.53 33.55
N PRO B 110 -1.92 9.16 34.15
CA PRO B 110 -2.25 8.83 35.57
C PRO B 110 -2.74 7.40 35.81
N PHE B 111 -3.11 6.65 34.75
CA PHE B 111 -3.57 5.27 34.89
C PHE B 111 -2.41 4.30 35.12
N LEU B 112 -1.18 4.74 34.83
CA LEU B 112 0.00 3.89 34.96
C LEU B 112 1.04 4.51 35.88
N ASP B 113 1.89 3.65 36.47
CA ASP B 113 2.96 4.10 37.37
C ASP B 113 4.26 4.30 36.59
N PHE B 114 4.71 5.55 36.49
CA PHE B 114 5.92 5.92 35.79
C PHE B 114 7.13 5.98 36.76
N ASP B 115 6.92 5.56 38.04
CA ASP B 115 7.96 5.56 39.08
C ASP B 115 7.82 4.38 40.07
N CYS B 116 8.08 3.15 39.61
CA CYS B 116 7.99 1.95 40.45
C CYS B 116 9.14 0.96 40.21
N GLY B 117 10.27 1.46 39.75
CA GLY B 117 11.48 0.69 39.50
C GLY B 117 11.68 0.26 38.07
N GLU B 118 12.25 -0.95 37.88
CA GLU B 118 12.49 -1.55 36.56
C GLU B 118 11.24 -1.61 35.68
N ASN B 119 10.06 -1.90 36.27
CA ASN B 119 8.80 -2.04 35.52
C ASN B 119 8.00 -0.73 35.36
N SER B 120 8.66 0.45 35.53
CA SER B 120 8.03 1.77 35.36
C SER B 120 7.50 1.90 33.92
N ALA B 121 6.34 2.55 33.76
CA ALA B 121 5.69 2.72 32.47
C ALA B 121 6.50 3.58 31.49
N ILE B 122 6.25 3.38 30.18
CA ILE B 122 6.86 4.17 29.08
C ILE B 122 5.76 4.72 28.17
N ALA B 123 5.87 6.01 27.80
CA ALA B 123 4.98 6.66 26.83
C ALA B 123 5.74 6.64 25.50
N ALA B 124 5.12 6.06 24.47
CA ALA B 124 5.76 5.97 23.16
C ALA B 124 4.88 6.59 22.09
N ASN B 125 5.48 6.92 20.94
CA ASN B 125 4.79 7.55 19.83
C ASN B 125 5.40 7.05 18.50
N ASN B 126 4.56 6.42 17.64
CA ASN B 126 5.06 5.84 16.39
C ASN B 126 5.46 6.88 15.33
N TYR B 127 5.25 8.19 15.57
CA TYR B 127 5.71 9.21 14.63
C TYR B 127 7.24 9.26 14.69
N ASP B 128 7.84 8.82 15.82
CA ASP B 128 9.29 8.81 16.03
C ASP B 128 10.02 8.03 14.92
N TRP B 129 9.43 6.91 14.46
CA TRP B 129 10.00 6.11 13.38
C TRP B 129 9.34 6.34 12.03
N PHE B 130 8.02 6.63 11.98
CA PHE B 130 7.39 6.86 10.68
C PHE B 130 7.66 8.25 10.09
N GLY B 131 7.87 9.25 10.95
CA GLY B 131 8.14 10.62 10.54
C GLY B 131 9.38 10.80 9.68
N ASN B 132 10.35 9.85 9.79
CA ASN B 132 11.59 9.84 9.03
C ASN B 132 11.80 8.53 8.19
N MET B 133 10.72 7.80 7.88
CA MET B 133 10.86 6.60 7.06
C MET B 133 10.51 6.91 5.61
N ASN B 134 11.42 6.60 4.68
CA ASN B 134 11.13 6.84 3.26
C ASN B 134 10.18 5.75 2.71
N VAL B 135 9.37 6.11 1.71
CA VAL B 135 8.37 5.21 1.11
C VAL B 135 8.99 3.91 0.53
N LEU B 136 10.16 3.98 -0.15
CA LEU B 136 10.79 2.79 -0.75
C LEU B 136 11.24 1.79 0.32
N THR B 137 11.86 2.31 1.38
CA THR B 137 12.27 1.53 2.53
C THR B 137 11.06 0.75 3.10
N PHE B 138 9.92 1.44 3.34
CA PHE B 138 8.68 0.85 3.83
C PHE B 138 8.19 -0.25 2.88
N LEU B 139 8.02 0.10 1.59
CA LEU B 139 7.51 -0.86 0.62
C LEU B 139 8.41 -2.08 0.47
N ARG B 140 9.72 -1.91 0.43
CA ARG B 140 10.66 -3.04 0.27
C ARG B 140 10.86 -3.83 1.56
N ASP B 141 11.37 -3.18 2.60
CA ASP B 141 11.72 -3.84 3.86
C ASP B 141 10.51 -4.37 4.64
N ILE B 142 9.36 -3.69 4.56
CA ILE B 142 8.17 -4.10 5.30
C ILE B 142 7.14 -4.77 4.36
N GLY B 143 6.76 -4.08 3.29
CA GLY B 143 5.74 -4.57 2.34
C GLY B 143 5.99 -5.91 1.70
N LYS B 144 7.27 -6.30 1.51
CA LYS B 144 7.60 -7.59 0.84
C LYS B 144 7.12 -8.79 1.63
N HIS B 145 7.00 -8.63 2.95
CA HIS B 145 6.55 -9.68 3.86
C HIS B 145 5.03 -9.79 3.93
N PHE B 146 4.30 -8.86 3.31
CA PHE B 146 2.83 -8.90 3.36
C PHE B 146 2.19 -9.44 2.07
N SER B 147 1.30 -10.43 2.20
CA SER B 147 0.58 -10.99 1.06
C SER B 147 -0.77 -10.26 0.97
N VAL B 148 -1.04 -9.64 -0.19
CA VAL B 148 -2.30 -8.93 -0.41
C VAL B 148 -3.46 -9.93 -0.39
N ASN B 149 -3.21 -11.18 -0.87
CA ASN B 149 -4.19 -12.28 -0.85
C ASN B 149 -4.69 -12.51 0.59
N GLN B 150 -3.76 -12.55 1.57
CA GLN B 150 -4.11 -12.72 2.99
C GLN B 150 -4.79 -11.47 3.56
N MET B 151 -4.24 -10.28 3.24
CA MET B 151 -4.75 -8.98 3.69
C MET B 151 -6.22 -8.72 3.34
N ILE B 152 -6.62 -8.99 2.09
CA ILE B 152 -7.99 -8.76 1.60
C ILE B 152 -9.00 -9.70 2.25
N ASN B 153 -8.51 -10.81 2.82
CA ASN B 153 -9.32 -11.83 3.45
C ASN B 153 -9.41 -11.69 4.97
N LYS B 154 -8.74 -10.69 5.55
CA LYS B 154 -8.82 -10.46 7.00
C LYS B 154 -10.20 -9.95 7.34
N GLU B 155 -10.81 -10.52 8.40
CA GLU B 155 -12.15 -10.15 8.87
C GLU B 155 -12.34 -8.64 9.08
N ALA B 156 -11.32 -7.96 9.65
CA ALA B 156 -11.33 -6.52 9.93
C ALA B 156 -11.58 -5.62 8.72
N VAL B 157 -11.35 -6.12 7.46
CA VAL B 157 -11.50 -5.33 6.22
C VAL B 157 -12.26 -6.02 5.08
N LYS B 158 -12.46 -7.36 5.14
CA LYS B 158 -13.12 -8.11 4.04
C LYS B 158 -14.48 -7.53 3.63
N GLN B 159 -15.29 -7.04 4.59
CA GLN B 159 -16.61 -6.45 4.32
C GLN B 159 -16.53 -5.14 3.53
N ARG B 160 -15.39 -4.43 3.64
CA ARG B 160 -15.14 -3.17 2.92
C ARG B 160 -14.87 -3.43 1.43
N LEU B 161 -14.52 -4.68 1.08
CA LEU B 161 -14.21 -5.04 -0.30
C LEU B 161 -15.40 -5.66 -1.06
N ASN B 162 -16.62 -5.53 -0.50
CA ASN B 162 -17.85 -6.04 -1.12
C ASN B 162 -18.42 -5.11 -2.20
N ARG B 163 -18.47 -3.78 -1.92
CA ARG B 163 -18.99 -2.76 -2.85
C ARG B 163 -18.05 -1.55 -2.92
N GLU B 164 -17.81 -1.04 -4.15
CA GLU B 164 -16.92 0.10 -4.43
C GLU B 164 -17.31 1.40 -3.68
N ASP B 165 -18.63 1.74 -3.64
CA ASP B 165 -19.18 2.91 -2.95
C ASP B 165 -19.07 2.83 -1.41
N GLN B 166 -18.72 1.64 -0.88
CA GLN B 166 -18.53 1.38 0.55
C GLN B 166 -17.16 0.71 0.74
N GLY B 167 -16.19 1.18 -0.04
CA GLY B 167 -14.84 0.65 -0.11
C GLY B 167 -13.81 1.13 0.88
N ILE B 168 -12.55 0.80 0.57
CA ILE B 168 -11.40 1.12 1.41
C ILE B 168 -10.29 1.72 0.54
N SER B 169 -9.69 2.82 1.02
CA SER B 169 -8.61 3.51 0.33
C SER B 169 -7.33 2.72 0.56
N PHE B 170 -6.32 2.93 -0.30
CA PHE B 170 -5.00 2.33 -0.11
C PHE B 170 -4.42 2.79 1.24
N THR B 171 -4.69 4.07 1.65
CA THR B 171 -4.24 4.64 2.95
C THR B 171 -4.68 3.73 4.11
N GLU B 172 -5.99 3.49 4.25
CA GLU B 172 -6.51 2.66 5.36
C GLU B 172 -6.13 1.19 5.21
N PHE B 173 -5.97 0.73 3.94
CA PHE B 173 -5.52 -0.64 3.67
C PHE B 173 -4.08 -0.87 4.14
N SER B 174 -3.25 0.18 4.09
CA SER B 174 -1.83 0.08 4.51
C SER B 174 -1.66 0.08 6.04
N TYR B 175 -2.70 0.51 6.77
CA TYR B 175 -2.67 0.65 8.24
C TYR B 175 -2.10 -0.56 8.98
N ASN B 176 -2.57 -1.76 8.62
CA ASN B 176 -2.09 -3.02 9.19
C ASN B 176 -0.55 -3.15 9.18
N LEU B 177 0.12 -2.67 8.10
CA LEU B 177 1.59 -2.72 8.01
C LEU B 177 2.23 -1.80 9.04
N LEU B 178 1.61 -0.64 9.31
CA LEU B 178 2.15 0.36 10.24
C LEU B 178 2.12 -0.14 11.68
N GLN B 179 0.98 -0.70 12.09
CA GLN B 179 0.82 -1.28 13.43
C GLN B 179 1.70 -2.50 13.59
N GLY B 180 1.83 -3.27 12.51
CA GLY B 180 2.71 -4.44 12.45
C GLY B 180 4.14 -4.03 12.71
N TYR B 181 4.64 -3.01 11.99
CA TYR B 181 6.00 -2.50 12.19
C TYR B 181 6.23 -1.92 13.60
N ASP B 182 5.22 -1.26 14.18
CA ASP B 182 5.30 -0.73 15.56
C ASP B 182 5.67 -1.80 16.56
N PHE B 183 5.07 -2.98 16.46
CA PHE B 183 5.40 -4.11 17.34
C PHE B 183 6.89 -4.49 17.15
N ALA B 184 7.40 -4.53 15.89
CA ALA B 184 8.80 -4.85 15.64
C ALA B 184 9.73 -3.80 16.30
N CYS B 185 9.39 -2.49 16.20
CA CYS B 185 10.16 -1.40 16.81
C CYS B 185 10.23 -1.46 18.32
N LEU B 186 9.08 -1.67 18.97
CA LEU B 186 9.05 -1.70 20.44
C LEU B 186 9.78 -2.92 20.98
N ASN B 187 9.75 -4.03 20.22
CA ASN B 187 10.51 -5.24 20.54
C ASN B 187 12.01 -4.94 20.52
N LYS B 188 12.46 -4.22 19.48
CA LYS B 188 13.87 -3.85 19.31
C LYS B 188 14.30 -2.82 20.36
N GLN B 189 13.50 -1.76 20.55
CA GLN B 189 13.79 -0.65 21.47
C GLN B 189 13.70 -0.98 22.96
N TYR B 190 12.61 -1.64 23.37
CA TYR B 190 12.34 -1.91 24.79
C TYR B 190 12.23 -3.37 25.18
N GLY B 191 12.43 -4.27 24.22
CA GLY B 191 12.28 -5.70 24.48
C GLY B 191 10.82 -6.10 24.70
N VAL B 192 9.87 -5.35 24.10
CA VAL B 192 8.42 -5.63 24.20
C VAL B 192 8.15 -6.98 23.54
N VAL B 193 7.53 -7.89 24.27
CA VAL B 193 7.22 -9.24 23.77
C VAL B 193 5.72 -9.50 23.70
N LEU B 194 4.91 -8.55 24.16
CA LEU B 194 3.46 -8.73 24.17
C LEU B 194 2.74 -7.48 23.74
N GLN B 195 1.72 -7.63 22.91
CA GLN B 195 0.83 -6.54 22.56
C GLN B 195 -0.56 -6.95 22.96
N ILE B 196 -1.25 -6.06 23.65
CA ILE B 196 -2.63 -6.27 24.04
C ILE B 196 -3.46 -5.22 23.32
N GLY B 197 -4.76 -5.46 23.21
CA GLY B 197 -5.75 -4.54 22.62
C GLY B 197 -7.12 -5.19 22.67
N GLY B 198 -8.14 -4.53 22.14
CA GLY B 198 -9.48 -5.12 22.05
C GLY B 198 -9.54 -6.15 20.93
N SER B 199 -10.63 -6.93 20.86
CA SER B 199 -10.74 -8.03 19.87
C SER B 199 -10.65 -7.60 18.39
N ASP B 200 -11.01 -6.35 18.07
CA ASP B 200 -10.94 -5.82 16.70
C ASP B 200 -9.49 -5.66 16.21
N GLN B 201 -8.53 -5.63 17.14
CA GLN B 201 -7.11 -5.43 16.87
C GLN B 201 -6.33 -6.73 16.57
N TRP B 202 -7.00 -7.90 16.63
CA TRP B 202 -6.35 -9.20 16.41
C TRP B 202 -5.46 -9.27 15.15
N GLY B 203 -5.99 -8.87 13.99
CA GLY B 203 -5.28 -8.84 12.71
C GLY B 203 -4.08 -7.91 12.72
N ASN B 204 -4.24 -6.70 13.30
CA ASN B 204 -3.13 -5.74 13.40
C ASN B 204 -2.02 -6.28 14.31
N ILE B 205 -2.42 -7.00 15.40
CA ILE B 205 -1.46 -7.60 16.35
C ILE B 205 -0.69 -8.78 15.71
N THR B 206 -1.40 -9.74 15.07
CA THR B 206 -0.75 -10.91 14.46
C THR B 206 0.21 -10.47 13.33
N SER B 207 -0.11 -9.37 12.61
CA SER B 207 0.78 -8.82 11.58
C SER B 207 2.08 -8.35 12.23
N GLY B 208 1.95 -7.79 13.45
CA GLY B 208 3.07 -7.36 14.27
C GLY B 208 3.89 -8.54 14.78
N ILE B 209 3.21 -9.64 15.16
CA ILE B 209 3.90 -10.86 15.63
C ILE B 209 4.76 -11.44 14.49
N ASP B 210 4.11 -11.66 13.34
CA ASP B 210 4.75 -12.19 12.13
C ASP B 210 5.91 -11.30 11.67
N LEU B 211 5.69 -9.97 11.62
CA LEU B 211 6.71 -9.01 11.19
C LEU B 211 7.89 -8.93 12.17
N THR B 212 7.67 -9.14 13.49
CA THR B 212 8.77 -9.16 14.49
C THR B 212 9.71 -10.37 14.21
N ARG B 213 9.16 -11.46 13.62
CA ARG B 213 9.89 -12.66 13.21
C ARG B 213 10.75 -12.36 11.98
N ARG B 214 10.13 -11.85 10.88
CA ARG B 214 10.83 -11.54 9.63
C ARG B 214 11.96 -10.52 9.81
N LEU B 215 11.74 -9.47 10.64
CA LEU B 215 12.71 -8.39 10.84
C LEU B 215 13.68 -8.59 12.01
N HIS B 216 13.20 -9.06 13.17
CA HIS B 216 14.08 -9.19 14.34
C HIS B 216 14.31 -10.62 14.80
N GLN B 217 13.69 -11.62 14.11
CA GLN B 217 13.91 -13.05 14.39
C GLN B 217 13.55 -13.42 15.86
N ASN B 218 12.55 -12.71 16.44
CA ASN B 218 12.13 -12.89 17.84
C ASN B 218 10.70 -13.40 17.94
N GLN B 219 10.41 -14.16 19.01
CA GLN B 219 9.08 -14.68 19.27
C GLN B 219 8.34 -13.72 20.18
N VAL B 220 7.27 -13.11 19.67
CA VAL B 220 6.43 -12.18 20.45
C VAL B 220 5.00 -12.69 20.48
N PHE B 221 4.19 -12.18 21.41
CA PHE B 221 2.83 -12.61 21.69
C PHE B 221 1.77 -11.53 21.57
N GLY B 222 0.54 -12.00 21.42
CA GLY B 222 -0.66 -11.18 21.33
C GLY B 222 -1.73 -11.69 22.26
N LEU B 223 -2.51 -10.75 22.82
CA LEU B 223 -3.61 -11.07 23.73
C LEU B 223 -4.64 -9.98 23.53
N THR B 224 -5.89 -10.36 23.27
CA THR B 224 -6.95 -9.38 23.09
C THR B 224 -8.01 -9.51 24.18
N VAL B 225 -8.61 -8.37 24.54
CA VAL B 225 -9.69 -8.28 25.54
C VAL B 225 -11.01 -8.25 24.74
N PRO B 226 -12.14 -8.81 25.24
CA PRO B 226 -13.39 -8.75 24.47
C PRO B 226 -13.95 -7.34 24.34
N LEU B 227 -14.73 -7.07 23.27
CA LEU B 227 -15.37 -5.78 23.10
C LEU B 227 -16.59 -5.76 24.01
N ILE B 228 -16.97 -4.58 24.53
CA ILE B 228 -18.09 -4.45 25.48
C ILE B 228 -19.42 -4.81 24.82
N THR B 229 -20.03 -5.89 25.32
CA THR B 229 -21.33 -6.41 24.89
C THR B 229 -22.25 -6.46 26.11
N LYS B 230 -23.53 -6.16 25.87
CA LYS B 230 -24.57 -6.18 26.89
C LYS B 230 -25.40 -7.43 26.68
N ALA B 231 -25.84 -8.09 27.77
CA ALA B 231 -26.63 -9.32 27.67
C ALA B 231 -28.00 -9.15 26.96
N ASP B 232 -28.46 -7.89 26.78
CA ASP B 232 -29.73 -7.56 26.12
C ASP B 232 -29.60 -7.41 24.59
N GLY B 233 -28.38 -7.11 24.11
CA GLY B 233 -28.10 -6.93 22.69
C GLY B 233 -27.81 -5.50 22.25
N THR B 234 -27.93 -4.52 23.17
CA THR B 234 -27.67 -3.10 22.89
C THR B 234 -26.18 -2.81 22.76
N ALA B 243 -21.37 8.03 23.24
CA ALA B 243 -20.11 7.61 23.86
C ALA B 243 -19.95 8.21 25.25
N VAL B 244 -19.32 7.44 26.14
CA VAL B 244 -19.06 7.88 27.52
C VAL B 244 -17.56 8.18 27.56
N TRP B 245 -17.23 9.47 27.44
CA TRP B 245 -15.86 9.97 27.40
C TRP B 245 -15.23 10.05 28.78
N LEU B 246 -13.88 9.98 28.86
CA LEU B 246 -13.12 10.07 30.11
C LEU B 246 -12.95 11.54 30.54
N ASP B 247 -12.89 12.45 29.56
CA ASP B 247 -12.74 13.90 29.78
C ASP B 247 -14.03 14.46 30.40
N PRO B 248 -13.95 15.08 31.61
CA PRO B 248 -15.14 15.62 32.27
C PRO B 248 -15.85 16.75 31.53
N LYS B 249 -15.16 17.40 30.58
CA LYS B 249 -15.72 18.46 29.77
C LYS B 249 -16.57 17.92 28.60
N LYS B 250 -16.54 16.59 28.38
CA LYS B 250 -17.30 15.87 27.35
C LYS B 250 -18.38 15.01 28.03
N THR B 251 -18.01 14.30 29.10
CA THR B 251 -18.92 13.49 29.91
C THR B 251 -18.66 13.88 31.35
N SER B 252 -19.57 14.66 31.96
CA SER B 252 -19.41 15.12 33.35
C SER B 252 -19.27 13.95 34.35
N PRO B 253 -18.52 14.13 35.47
CA PRO B 253 -18.43 13.06 36.50
C PRO B 253 -19.80 12.52 36.96
N TYR B 254 -20.85 13.38 36.98
CA TYR B 254 -22.20 13.00 37.35
C TYR B 254 -22.84 12.05 36.30
N LYS B 255 -22.80 12.40 34.97
CA LYS B 255 -23.31 11.53 33.89
C LYS B 255 -22.56 10.16 33.86
N PHE B 256 -21.22 10.20 34.08
CA PHE B 256 -20.36 9.01 34.16
C PHE B 256 -20.83 8.09 35.31
N TYR B 257 -20.99 8.67 36.50
CA TYR B 257 -21.44 7.95 37.68
C TYR B 257 -22.83 7.31 37.43
N GLN B 258 -23.77 8.10 36.86
CA GLN B 258 -25.13 7.65 36.56
C GLN B 258 -25.18 6.50 35.57
N PHE B 259 -24.27 6.51 34.58
CA PHE B 259 -24.15 5.46 33.57
C PHE B 259 -23.90 4.12 34.26
N TRP B 260 -23.01 4.11 35.25
CA TRP B 260 -22.68 2.91 36.04
C TRP B 260 -23.82 2.47 36.94
N ILE B 261 -24.54 3.43 37.57
CA ILE B 261 -25.69 3.18 38.45
C ILE B 261 -26.77 2.43 37.66
N ASN B 262 -26.97 2.82 36.39
CA ASN B 262 -28.00 2.27 35.52
C ASN B 262 -27.59 1.02 34.73
N THR B 263 -26.45 0.39 35.07
CA THR B 263 -25.99 -0.87 34.46
C THR B 263 -27.01 -1.96 34.78
N ALA B 264 -27.35 -2.83 33.79
CA ALA B 264 -28.30 -3.94 34.01
C ALA B 264 -27.67 -5.00 34.94
N ASP B 265 -28.51 -5.79 35.64
CA ASP B 265 -28.07 -6.88 36.56
C ASP B 265 -27.24 -7.93 35.82
N ALA B 266 -27.56 -8.15 34.54
CA ALA B 266 -26.90 -9.10 33.64
C ALA B 266 -25.45 -8.70 33.32
N ASP B 267 -25.16 -7.38 33.33
CA ASP B 267 -23.85 -6.83 32.98
C ASP B 267 -22.97 -6.38 34.15
N VAL B 268 -23.59 -6.05 35.30
CA VAL B 268 -22.90 -5.44 36.44
C VAL B 268 -21.64 -6.24 36.92
N TYR B 269 -21.70 -7.58 37.06
CA TYR B 269 -20.56 -8.39 37.54
C TYR B 269 -19.44 -8.47 36.50
N ARG B 270 -19.79 -8.53 35.21
CA ARG B 270 -18.80 -8.52 34.14
C ARG B 270 -18.10 -7.14 34.14
N PHE B 271 -18.87 -6.06 34.32
CA PHE B 271 -18.33 -4.71 34.30
C PHE B 271 -17.41 -4.45 35.50
N LEU B 272 -17.69 -5.07 36.67
CA LEU B 272 -16.81 -4.97 37.83
C LEU B 272 -15.48 -5.63 37.49
N LYS B 273 -15.53 -6.76 36.78
CA LYS B 273 -14.30 -7.47 36.39
C LYS B 273 -13.49 -6.66 35.40
N PHE B 274 -14.18 -6.01 34.45
CA PHE B 274 -13.54 -5.28 33.36
C PHE B 274 -13.03 -3.92 33.74
N PHE B 275 -13.78 -3.17 34.56
CA PHE B 275 -13.47 -1.77 34.84
C PHE B 275 -12.95 -1.44 36.25
N THR B 276 -12.80 -2.43 37.14
CA THR B 276 -12.30 -2.17 38.51
C THR B 276 -11.09 -3.06 38.80
N PHE B 277 -10.38 -2.73 39.89
CA PHE B 277 -9.22 -3.49 40.41
C PHE B 277 -9.64 -4.34 41.62
N MET B 278 -10.95 -4.59 41.75
CA MET B 278 -11.45 -5.45 42.82
C MET B 278 -11.00 -6.87 42.48
N SER B 279 -10.60 -7.64 43.50
CA SER B 279 -10.17 -9.00 43.28
C SER B 279 -11.36 -9.83 42.80
N ILE B 280 -11.09 -10.92 42.07
CA ILE B 280 -12.15 -11.81 41.61
C ILE B 280 -12.93 -12.40 42.83
N GLU B 281 -12.25 -12.69 43.95
CA GLU B 281 -12.92 -13.22 45.15
C GLU B 281 -13.93 -12.20 45.70
N GLU B 282 -13.54 -10.90 45.75
CA GLU B 282 -14.45 -9.86 46.22
C GLU B 282 -15.67 -9.71 45.31
N ILE B 283 -15.46 -9.74 44.00
CA ILE B 283 -16.58 -9.62 43.05
C ILE B 283 -17.53 -10.81 43.19
N ASN B 284 -16.99 -12.04 43.31
CA ASN B 284 -17.77 -13.26 43.49
C ASN B 284 -18.58 -13.21 44.79
N ALA B 285 -17.98 -12.67 45.87
CA ALA B 285 -18.65 -12.53 47.17
C ALA B 285 -19.83 -11.55 47.06
N LEU B 286 -19.65 -10.46 46.26
CA LEU B 286 -20.67 -9.45 46.03
C LEU B 286 -21.84 -10.02 45.22
N GLU B 287 -21.54 -10.84 44.18
CA GLU B 287 -22.54 -11.51 43.35
C GLU B 287 -23.32 -12.49 44.20
N GLU B 288 -22.61 -13.25 45.07
CA GLU B 288 -23.18 -14.23 45.99
C GLU B 288 -24.08 -13.58 47.03
N GLU B 289 -23.69 -12.38 47.52
CA GLU B 289 -24.49 -11.58 48.46
C GLU B 289 -25.78 -11.12 47.79
N ASP B 290 -25.70 -10.47 46.60
CA ASP B 290 -26.85 -9.98 45.85
C ASP B 290 -27.86 -11.07 45.45
N LYS B 291 -27.40 -12.32 45.31
CA LYS B 291 -28.21 -13.46 44.93
C LYS B 291 -28.87 -14.15 46.14
N ASN B 292 -28.33 -13.91 47.35
CA ASN B 292 -28.81 -14.53 48.58
C ASN B 292 -29.29 -13.53 49.66
N SER B 293 -29.28 -12.21 49.34
CA SER B 293 -29.67 -11.14 50.25
C SER B 293 -31.18 -11.04 50.48
N GLY B 294 -31.97 -11.33 49.43
CA GLY B 294 -33.41 -11.22 49.45
C GLY B 294 -33.86 -9.82 49.08
N LYS B 295 -33.03 -9.10 48.29
CA LYS B 295 -33.27 -7.73 47.84
C LYS B 295 -32.61 -7.45 46.48
N ALA B 296 -32.86 -6.26 45.92
CA ALA B 296 -32.30 -5.79 44.66
C ALA B 296 -30.76 -5.68 44.80
N PRO B 297 -29.98 -5.85 43.71
CA PRO B 297 -28.51 -5.79 43.84
C PRO B 297 -27.95 -4.44 44.27
N ARG B 298 -26.82 -4.45 45.00
CA ARG B 298 -26.09 -3.25 45.40
C ARG B 298 -24.77 -3.13 44.59
N ALA B 299 -24.52 -4.11 43.70
CA ALA B 299 -23.34 -4.18 42.83
C ALA B 299 -23.16 -2.95 41.94
N GLN B 300 -24.29 -2.37 41.43
CA GLN B 300 -24.24 -1.17 40.58
C GLN B 300 -23.66 0.01 41.33
N TYR B 301 -23.99 0.14 42.65
CA TYR B 301 -23.45 1.22 43.45
C TYR B 301 -21.96 1.08 43.67
N VAL B 302 -21.47 -0.17 43.86
CA VAL B 302 -20.04 -0.48 44.06
C VAL B 302 -19.28 -0.17 42.76
N LEU B 303 -19.82 -0.62 41.63
CA LEU B 303 -19.27 -0.35 40.31
C LEU B 303 -19.18 1.16 40.05
N ALA B 304 -20.26 1.90 40.31
CA ALA B 304 -20.34 3.35 40.11
C ALA B 304 -19.30 4.09 40.94
N GLU B 305 -19.13 3.69 42.20
CA GLU B 305 -18.17 4.29 43.11
C GLU B 305 -16.72 4.05 42.66
N GLN B 306 -16.39 2.77 42.35
CA GLN B 306 -15.05 2.34 41.94
C GLN B 306 -14.57 3.03 40.68
N VAL B 307 -15.37 3.00 39.60
CA VAL B 307 -14.93 3.56 38.31
C VAL B 307 -14.91 5.10 38.33
N THR B 308 -15.88 5.75 39.02
CA THR B 308 -15.90 7.22 39.08
C THR B 308 -14.68 7.75 39.85
N ARG B 309 -14.35 7.13 40.98
CA ARG B 309 -13.17 7.51 41.78
C ARG B 309 -11.90 7.26 40.96
N LEU B 310 -11.84 6.13 40.23
CA LEU B 310 -10.69 5.76 39.41
C LEU B 310 -10.46 6.81 38.29
N VAL B 311 -11.53 7.19 37.56
CA VAL B 311 -11.39 8.12 36.44
C VAL B 311 -11.36 9.61 36.87
N HIS B 312 -12.25 10.01 37.79
CA HIS B 312 -12.45 11.40 38.20
C HIS B 312 -11.96 11.74 39.61
N GLY B 313 -11.35 10.79 40.30
CA GLY B 313 -10.81 11.01 41.64
C GLY B 313 -11.87 11.11 42.75
N GLU B 314 -11.40 11.33 43.98
CA GLU B 314 -12.33 11.46 45.13
C GLU B 314 -13.25 12.67 44.96
N GLU B 315 -12.73 13.78 44.44
CA GLU B 315 -13.49 15.01 44.20
C GLU B 315 -14.63 14.80 43.19
N GLY B 316 -14.34 14.07 42.10
CA GLY B 316 -15.31 13.72 41.05
C GLY B 316 -16.42 12.85 41.58
N LEU B 317 -16.05 11.76 42.33
CA LEU B 317 -17.01 10.85 42.96
C LEU B 317 -17.93 11.62 43.92
N GLN B 318 -17.32 12.46 44.78
CA GLN B 318 -18.06 13.26 45.75
C GLN B 318 -18.98 14.25 45.09
N ALA B 319 -18.56 14.86 43.97
CA ALA B 319 -19.41 15.80 43.22
C ALA B 319 -20.58 15.04 42.57
N ALA B 320 -20.32 13.83 42.03
CA ALA B 320 -21.33 12.98 41.38
C ALA B 320 -22.40 12.52 42.39
N LYS B 321 -21.96 12.10 43.62
CA LYS B 321 -22.81 11.66 44.73
C LYS B 321 -23.65 12.83 45.23
N ARG B 322 -23.02 14.04 45.34
CA ARG B 322 -23.68 15.28 45.78
C ARG B 322 -24.80 15.67 44.80
N ILE B 323 -24.50 15.70 43.49
CA ILE B 323 -25.49 16.03 42.46
C ILE B 323 -26.67 15.03 42.47
N THR B 324 -26.38 13.72 42.63
CA THR B 324 -27.38 12.64 42.69
C THR B 324 -28.34 12.85 43.88
N GLU B 325 -27.77 13.10 45.08
CA GLU B 325 -28.48 13.32 46.33
C GLU B 325 -29.42 14.53 46.27
N CYS B 326 -28.94 15.66 45.76
CA CYS B 326 -29.71 16.90 45.63
C CYS B 326 -30.86 16.80 44.64
N LEU B 327 -30.69 16.02 43.54
CA LEU B 327 -31.73 15.82 42.53
C LEU B 327 -32.89 14.97 43.11
N PHE B 328 -32.56 13.92 43.91
CA PHE B 328 -33.56 13.06 44.55
C PHE B 328 -34.29 13.78 45.68
N SER B 329 -33.52 14.43 46.59
CA SER B 329 -34.03 15.17 47.75
C SER B 329 -34.85 16.40 47.38
N GLY B 330 -34.31 17.24 46.50
CA GLY B 330 -34.94 18.49 46.06
C GLY B 330 -34.14 19.71 46.47
N SER B 331 -33.51 19.67 47.66
CA SER B 331 -32.69 20.76 48.19
C SER B 331 -31.43 20.94 47.35
N LEU B 332 -31.37 22.02 46.56
CA LEU B 332 -30.24 22.32 45.67
C LEU B 332 -29.24 23.32 46.29
N SER B 333 -29.31 23.48 47.62
CA SER B 333 -28.45 24.39 48.37
C SER B 333 -26.98 23.96 48.38
N ALA B 334 -26.73 22.64 48.49
CA ALA B 334 -25.39 22.04 48.48
C ALA B 334 -24.72 22.12 47.10
N LEU B 335 -25.50 22.37 46.04
CA LEU B 335 -24.98 22.47 44.69
C LEU B 335 -24.25 23.79 44.45
N SER B 336 -23.04 23.69 43.88
CA SER B 336 -22.21 24.83 43.54
C SER B 336 -22.44 25.19 42.07
N GLU B 337 -21.86 26.32 41.60
CA GLU B 337 -21.98 26.75 40.20
C GLU B 337 -21.37 25.69 39.27
N ALA B 338 -20.25 25.05 39.71
CA ALA B 338 -19.55 23.97 38.99
C ALA B 338 -20.47 22.74 38.84
N ASP B 339 -21.25 22.41 39.89
CA ASP B 339 -22.22 21.31 39.88
C ASP B 339 -23.34 21.54 38.83
N PHE B 340 -23.89 22.78 38.75
CA PHE B 340 -24.91 23.17 37.78
C PHE B 340 -24.37 23.20 36.35
N GLU B 341 -23.04 23.45 36.21
CA GLU B 341 -22.38 23.40 34.91
C GLU B 341 -22.36 21.96 34.40
N GLN B 342 -22.28 20.97 35.32
CA GLN B 342 -22.30 19.55 34.98
C GLN B 342 -23.70 19.18 34.49
N LEU B 343 -24.72 19.72 35.17
CA LEU B 343 -26.14 19.52 34.84
C LEU B 343 -26.50 20.14 33.50
N ALA B 344 -25.97 21.36 33.20
CA ALA B 344 -26.19 22.07 31.94
C ALA B 344 -25.56 21.34 30.77
N GLN B 345 -24.36 20.76 31.00
CA GLN B 345 -23.60 20.03 30.00
C GLN B 345 -24.32 18.78 29.50
N ASP B 346 -24.69 17.87 30.41
CA ASP B 346 -25.25 16.57 30.02
C ASP B 346 -26.05 15.85 31.11
N GLY B 347 -26.10 16.42 32.31
CA GLY B 347 -26.75 15.79 33.45
C GLY B 347 -28.25 15.62 33.30
N VAL B 348 -28.93 16.68 32.85
CA VAL B 348 -30.38 16.67 32.63
C VAL B 348 -30.70 17.38 31.31
N PRO B 349 -31.87 17.13 30.65
CA PRO B 349 -32.22 17.90 29.45
C PRO B 349 -32.15 19.40 29.76
N MET B 350 -31.67 20.20 28.81
CA MET B 350 -31.43 21.62 29.02
C MET B 350 -32.07 22.50 27.95
N VAL B 351 -32.56 23.67 28.37
CA VAL B 351 -33.16 24.66 27.47
C VAL B 351 -32.60 26.08 27.78
N GLU B 352 -32.08 26.74 26.72
CA GLU B 352 -31.54 28.11 26.78
C GLU B 352 -32.73 29.05 26.63
N MET B 353 -32.96 29.91 27.64
CA MET B 353 -34.11 30.83 27.62
C MET B 353 -33.79 32.28 27.99
N GLU B 354 -34.60 33.21 27.45
CA GLU B 354 -34.49 34.64 27.74
C GLU B 354 -35.16 34.89 29.10
N LYS B 355 -34.46 35.62 30.00
CA LYS B 355 -35.00 35.94 31.32
C LYS B 355 -36.18 36.89 31.22
N GLY B 356 -37.19 36.64 32.05
CA GLY B 356 -38.44 37.39 32.06
C GLY B 356 -39.57 36.52 31.53
N ALA B 357 -39.23 35.26 31.20
CA ALA B 357 -40.13 34.23 30.69
C ALA B 357 -41.04 33.66 31.78
N ASP B 358 -42.26 33.32 31.38
CA ASP B 358 -43.34 32.74 32.18
C ASP B 358 -42.96 31.30 32.56
N LEU B 359 -43.52 30.78 33.67
CA LEU B 359 -43.32 29.40 34.13
C LEU B 359 -43.90 28.50 33.04
N MET B 360 -45.20 28.70 32.75
CA MET B 360 -46.04 28.00 31.79
C MET B 360 -45.36 27.89 30.41
N GLN B 361 -44.74 29.02 29.94
CA GLN B 361 -44.04 29.09 28.66
CA GLN B 361 -44.04 29.08 28.66
C GLN B 361 -42.68 28.36 28.69
N ALA B 362 -42.09 28.20 29.89
CA ALA B 362 -40.80 27.52 30.06
C ALA B 362 -41.01 26.00 29.98
N LEU B 363 -42.22 25.54 30.35
CA LEU B 363 -42.61 24.13 30.29
C LEU B 363 -42.79 23.68 28.83
N VAL B 364 -43.24 24.60 27.95
CA VAL B 364 -43.45 24.35 26.50
C VAL B 364 -42.09 24.21 25.78
N ASP B 365 -41.19 25.21 25.96
CA ASP B 365 -39.86 25.28 25.34
C ASP B 365 -38.95 24.15 25.80
N SER B 366 -39.08 23.75 27.08
CA SER B 366 -38.31 22.64 27.65
C SER B 366 -38.85 21.28 27.17
N GLU B 367 -40.04 21.29 26.52
CA GLU B 367 -40.78 20.13 26.01
C GLU B 367 -41.33 19.24 27.16
N LEU B 368 -41.49 19.82 28.38
CA LEU B 368 -42.07 19.14 29.56
C LEU B 368 -43.59 19.20 29.44
N GLN B 369 -44.08 20.07 28.54
CA GLN B 369 -45.49 20.32 28.23
C GLN B 369 -45.70 20.58 26.73
N PRO B 370 -46.84 20.14 26.12
CA PRO B 370 -47.03 20.38 24.68
C PRO B 370 -47.47 21.80 24.33
N SER B 371 -48.29 22.44 25.20
CA SER B 371 -48.80 23.78 24.98
C SER B 371 -48.94 24.57 26.29
N ARG B 372 -49.30 25.87 26.18
CA ARG B 372 -49.49 26.77 27.32
C ARG B 372 -50.73 26.37 28.13
N GLY B 373 -51.85 26.12 27.43
CA GLY B 373 -53.12 25.69 28.02
C GLY B 373 -53.01 24.39 28.80
N GLN B 374 -52.22 23.43 28.27
CA GLN B 374 -51.97 22.14 28.91
C GLN B 374 -51.06 22.32 30.13
N ALA B 375 -50.07 23.26 30.05
CA ALA B 375 -49.16 23.57 31.15
C ALA B 375 -49.93 24.16 32.34
N ARG B 376 -50.99 24.95 32.06
CA ARG B 376 -51.88 25.56 33.06
C ARG B 376 -52.48 24.48 34.00
N LYS B 377 -53.02 23.39 33.41
CA LYS B 377 -53.63 22.27 34.14
C LYS B 377 -52.63 21.47 34.98
N THR B 378 -51.40 21.26 34.46
CA THR B 378 -50.32 20.52 35.15
C THR B 378 -49.83 21.31 36.37
N ILE B 379 -49.63 22.65 36.23
CA ILE B 379 -49.17 23.53 37.30
C ILE B 379 -50.18 23.48 38.46
N ALA B 380 -51.47 23.69 38.14
CA ALA B 380 -52.60 23.66 39.08
C ALA B 380 -52.71 22.34 39.87
N SER B 381 -52.32 21.20 39.25
CA SER B 381 -52.38 19.87 39.86
C SER B 381 -51.21 19.55 40.84
N ASN B 382 -50.30 20.54 41.07
CA ASN B 382 -49.14 20.46 41.98
C ASN B 382 -48.15 19.34 41.57
N ALA B 383 -47.74 19.36 40.29
CA ALA B 383 -46.80 18.39 39.73
C ALA B 383 -45.49 19.06 39.27
N ILE B 384 -45.43 20.41 39.32
CA ILE B 384 -44.27 21.19 38.90
C ILE B 384 -43.48 21.77 40.07
N THR B 385 -42.15 21.52 40.08
CA THR B 385 -41.22 22.04 41.08
C THR B 385 -40.15 22.91 40.43
N ILE B 386 -39.80 24.01 41.11
CA ILE B 386 -38.78 24.98 40.70
C ILE B 386 -37.70 24.92 41.79
N ASN B 387 -36.52 24.35 41.45
CA ASN B 387 -35.37 24.19 42.36
C ASN B 387 -35.77 23.49 43.68
N GLY B 388 -36.52 22.39 43.53
CA GLY B 388 -37.05 21.57 44.61
C GLY B 388 -38.35 22.07 45.24
N GLU B 389 -38.77 23.33 44.94
CA GLU B 389 -39.98 23.89 45.55
C GLU B 389 -41.24 23.83 44.67
N LYS B 390 -42.36 23.38 45.26
CA LYS B 390 -43.68 23.29 44.64
C LYS B 390 -44.24 24.65 44.21
N GLN B 391 -44.82 24.71 43.00
CA GLN B 391 -45.43 25.90 42.41
C GLN B 391 -46.70 25.50 41.65
N SER B 392 -47.87 25.92 42.16
CA SER B 392 -49.19 25.57 41.62
C SER B 392 -49.97 26.78 41.04
N ASP B 393 -49.33 27.97 41.01
CA ASP B 393 -49.87 29.21 40.44
C ASP B 393 -49.73 29.10 38.90
N PRO B 394 -50.83 28.87 38.14
CA PRO B 394 -50.69 28.66 36.68
C PRO B 394 -50.11 29.80 35.86
N GLU B 395 -50.13 31.03 36.41
CA GLU B 395 -49.59 32.23 35.75
C GLU B 395 -48.26 32.73 36.36
N TYR B 396 -47.61 31.91 37.21
CA TYR B 396 -46.35 32.28 37.87
C TYR B 396 -45.24 32.65 36.87
N PHE B 397 -44.40 33.68 37.19
CA PHE B 397 -43.38 34.14 36.27
C PHE B 397 -42.00 33.56 36.52
N PHE B 398 -41.35 33.90 37.66
CA PHE B 398 -40.03 33.47 38.15
C PHE B 398 -39.27 34.61 38.80
N LYS B 399 -38.94 34.45 40.09
CA LYS B 399 -38.19 35.43 40.87
C LYS B 399 -36.70 35.42 40.47
N GLU B 400 -36.02 36.58 40.63
CA GLU B 400 -34.61 36.76 40.31
C GLU B 400 -33.70 35.85 41.14
N GLU B 401 -34.06 35.62 42.43
CA GLU B 401 -33.27 34.78 43.35
C GLU B 401 -33.28 33.29 42.96
N GLU B 402 -34.35 32.80 42.28
CA GLU B 402 -34.41 31.39 41.90
C GLU B 402 -33.62 31.11 40.60
N ARG B 403 -33.00 32.17 40.02
CA ARG B 403 -32.06 32.02 38.91
C ARG B 403 -30.74 31.83 39.70
N LEU B 404 -30.42 30.57 40.05
CA LEU B 404 -29.24 30.22 40.85
C LEU B 404 -27.96 30.63 40.16
N PHE B 405 -27.16 31.46 40.86
CA PHE B 405 -25.91 32.07 40.38
C PHE B 405 -26.23 32.96 39.17
N GLY B 406 -27.46 33.51 39.18
CA GLY B 406 -28.04 34.39 38.17
C GLY B 406 -28.31 33.75 36.82
N ARG B 407 -28.27 32.39 36.73
CA ARG B 407 -28.44 31.72 35.42
C ARG B 407 -29.06 30.31 35.42
N PHE B 408 -29.26 29.67 36.60
CA PHE B 408 -29.77 28.29 36.59
C PHE B 408 -31.08 28.10 37.33
N THR B 409 -32.07 27.48 36.66
CA THR B 409 -33.37 27.16 37.23
C THR B 409 -33.71 25.72 36.83
N LEU B 410 -33.90 24.84 37.84
CA LEU B 410 -34.20 23.43 37.60
C LEU B 410 -35.68 23.11 37.76
N LEU B 411 -36.34 22.77 36.64
CA LEU B 411 -37.75 22.38 36.63
C LEU B 411 -37.89 20.87 36.75
N ARG B 412 -39.00 20.40 37.34
CA ARG B 412 -39.31 18.97 37.44
C ARG B 412 -40.81 18.74 37.41
N ARG B 413 -41.24 17.90 36.46
CA ARG B 413 -42.63 17.48 36.28
C ARG B 413 -42.72 16.06 36.84
N GLY B 414 -43.47 15.91 37.94
CA GLY B 414 -43.60 14.63 38.62
C GLY B 414 -42.37 14.31 39.43
N LYS B 415 -42.04 13.01 39.55
CA LYS B 415 -40.90 12.57 40.34
C LYS B 415 -39.56 12.48 39.59
N LYS B 416 -39.57 12.36 38.24
CA LYS B 416 -38.33 12.12 37.50
C LYS B 416 -38.10 12.91 36.19
N ASN B 417 -39.06 13.72 35.72
CA ASN B 417 -38.87 14.47 34.47
C ASN B 417 -38.30 15.87 34.73
N TYR B 418 -36.97 16.02 34.59
CA TYR B 418 -36.25 17.28 34.81
C TYR B 418 -35.89 18.01 33.53
N CYS B 419 -35.72 19.34 33.64
CA CYS B 419 -35.18 20.21 32.60
C CYS B 419 -34.54 21.43 33.22
N LEU B 420 -33.25 21.63 32.93
CA LEU B 420 -32.51 22.79 33.42
C LEU B 420 -32.66 23.96 32.47
N ILE B 421 -33.17 25.08 32.99
CA ILE B 421 -33.29 26.30 32.22
C ILE B 421 -32.01 27.08 32.41
N CYS B 422 -31.33 27.38 31.31
CA CYS B 422 -30.12 28.17 31.32
C CYS B 422 -30.48 29.56 30.80
N TRP B 423 -30.46 30.54 31.71
CA TRP B 423 -30.82 31.93 31.41
C TRP B 423 -29.75 32.69 30.64
N LYS B 424 -30.20 33.64 29.80
CA LYS B 424 -29.34 34.48 28.98
C LYS B 424 -29.88 35.92 28.87
#